data_6V95
#
_entry.id   6V95
#
_cell.length_a   75.941
_cell.length_b   124.553
_cell.length_c   127.484
_cell.angle_alpha   90.000
_cell.angle_beta   90.000
_cell.angle_gamma   90.000
#
_symmetry.space_group_name_H-M   'P 2 21 21'
#
loop_
_entity.id
_entity.type
_entity.pdbx_description
1 polymer 'Galactose-binding lectin'
2 non-polymer "(2R,3R)-N-[(1-{(3S,3aR,6S,6aR)-6-[4-({[(2R,3R)-2,3-dihydroxy-4-oxo-4-{[(2R,3R,4R,5R,6R)-3,4,5-trihydroxy-6-(hydroxymethyl)tetrahydro-2H-pyran-2-yl]amino}butanoyl]amino}methyl)-1H-1,2,3-triazol-1-yl]hexahydrofuro[3,2-b]furan-3-yl}-1H-1,2,3-triazol-4-yl)methyl]-2,3-dihydroxy-N'-[(2R,3R,4S,5R,6R)-3,4,5-trihydroxy-6-(hydroxymethyl)tetrahydro-2H-pyran-2-yl]butanediamide (non-preferred name)"
3 non-polymer 'MANGANESE (II) ION'
4 non-polymer 'CALCIUM ION'
5 water water
#
_entity_poly.entity_id   1
_entity_poly.type   'polypeptide(L)'
_entity_poly.pdbx_seq_one_letter_code
;AETVSFNFNSFSEGNPAINFQGDVTVLSNGNIQLTNLNKVNSVGRVLYAMPVRIWSSATGNVASFLTSFSFEMKDIKDYD
PADGIIFFIAPEDTQIPAGSIGGGTLGVSDTKGAGHFVGVEFDTYSNSEYNDPPTDHVGIDVNSVDSVKTVPWNSVSGAV
VKVTVIYDSSTKTLSVAVTNDNGDITTIAQVVDLKAKLPERVKFGFSASGSLGGRQIHLIRSWSFTSTLITTTRRS
;
_entity_poly.pdbx_strand_id   A,B,C,D
#
# COMPACT_ATOMS: atom_id res chain seq x y z
N ALA A 1 -11.53 -10.15 -4.88
CA ALA A 1 -10.92 -9.75 -6.14
C ALA A 1 -9.40 -10.06 -6.17
N GLU A 2 -8.86 -10.18 -7.38
CA GLU A 2 -7.46 -10.53 -7.61
C GLU A 2 -6.71 -9.25 -7.99
N THR A 3 -5.75 -8.87 -7.16
CA THR A 3 -4.97 -7.64 -7.35
C THR A 3 -3.47 -7.92 -7.43
N VAL A 4 -2.82 -7.27 -8.42
CA VAL A 4 -1.36 -7.23 -8.62
C VAL A 4 -0.95 -5.79 -8.34
N SER A 5 -0.02 -5.61 -7.38
CA SER A 5 0.45 -4.27 -7.03
C SER A 5 1.94 -4.24 -6.81
N PHE A 6 2.62 -3.24 -7.38
CA PHE A 6 4.07 -3.09 -7.21
C PHE A 6 4.47 -1.63 -7.33
N ASN A 7 5.67 -1.32 -6.84
CA ASN A 7 6.19 0.04 -6.87
C ASN A 7 7.70 0.01 -6.91
N PHE A 8 8.27 0.66 -7.95
CA PHE A 8 9.69 0.83 -8.19
C PHE A 8 10.06 2.30 -8.11
N ASN A 9 10.80 2.69 -7.08
CA ASN A 9 11.32 4.05 -6.92
C ASN A 9 12.69 4.13 -7.61
N SER A 10 13.27 2.94 -7.84
CA SER A 10 14.57 2.69 -8.46
C SER A 10 14.60 1.26 -8.98
N PHE A 11 15.63 0.94 -9.75
CA PHE A 11 15.82 -0.38 -10.32
C PHE A 11 17.23 -0.87 -10.03
N SER A 12 17.43 -2.18 -10.13
CA SER A 12 18.73 -2.81 -9.94
C SER A 12 18.84 -4.07 -10.77
N GLU A 13 20.08 -4.36 -11.23
CA GLU A 13 20.42 -5.58 -11.92
C GLU A 13 20.21 -6.75 -10.92
N GLY A 14 19.71 -7.88 -11.37
CA GLY A 14 19.50 -8.99 -10.46
C GLY A 14 18.20 -8.95 -9.69
N ASN A 15 17.38 -7.90 -9.89
CA ASN A 15 16.06 -7.82 -9.27
C ASN A 15 15.20 -8.83 -10.01
N PRO A 16 14.78 -9.94 -9.35
CA PRO A 16 13.99 -10.96 -10.06
C PRO A 16 12.61 -10.47 -10.52
N ALA A 17 12.15 -9.27 -10.09
CA ALA A 17 10.83 -8.71 -10.51
C ALA A 17 10.84 -8.11 -11.91
N ILE A 18 12.06 -7.89 -12.50
CA ILE A 18 12.23 -7.26 -13.79
C ILE A 18 13.01 -8.17 -14.78
N ASN A 19 12.42 -8.39 -15.96
CA ASN A 19 13.03 -9.10 -17.10
C ASN A 19 13.66 -8.08 -17.99
N PHE A 20 14.95 -8.26 -18.28
CA PHE A 20 15.69 -7.35 -19.14
C PHE A 20 15.87 -8.01 -20.51
N GLN A 21 15.52 -7.28 -21.55
CA GLN A 21 15.63 -7.75 -22.94
C GLN A 21 16.49 -6.80 -23.77
N GLY A 22 17.37 -7.35 -24.57
CA GLY A 22 18.22 -6.53 -25.43
C GLY A 22 19.25 -5.68 -24.73
N ASP A 23 19.41 -4.43 -25.21
CA ASP A 23 20.49 -3.50 -24.83
C ASP A 23 20.28 -2.72 -23.51
N VAL A 24 19.39 -3.17 -22.63
CA VAL A 24 19.08 -2.50 -21.36
C VAL A 24 20.21 -2.61 -20.33
N THR A 25 20.46 -1.49 -19.65
CA THR A 25 21.40 -1.40 -18.55
C THR A 25 20.77 -0.64 -17.38
N VAL A 26 21.27 -0.89 -16.17
CA VAL A 26 20.84 -0.20 -14.97
C VAL A 26 22.00 0.70 -14.59
N LEU A 27 21.73 2.01 -14.45
CA LEU A 27 22.71 3.00 -14.08
C LEU A 27 22.88 3.00 -12.56
N SER A 28 24.04 3.48 -12.07
CA SER A 28 24.40 3.53 -10.64
C SER A 28 23.36 4.30 -9.81
N ASN A 29 22.67 5.29 -10.44
CA ASN A 29 21.63 6.08 -9.78
C ASN A 29 20.26 5.35 -9.69
N GLY A 30 20.17 4.14 -10.25
CA GLY A 30 18.96 3.33 -10.20
C GLY A 30 18.06 3.41 -11.42
N ASN A 31 18.37 4.32 -12.37
CA ASN A 31 17.60 4.46 -13.61
C ASN A 31 17.84 3.30 -14.56
N ILE A 32 16.82 2.98 -15.35
CA ILE A 32 16.93 2.01 -16.43
C ILE A 32 17.25 2.79 -17.68
N GLN A 33 18.33 2.40 -18.39
CA GLN A 33 18.70 2.98 -19.69
C GLN A 33 18.38 1.90 -20.71
N LEU A 34 17.41 2.19 -21.61
CA LEU A 34 16.89 1.19 -22.55
C LEU A 34 17.75 0.97 -23.79
N THR A 35 18.34 2.01 -24.38
CA THR A 35 19.15 1.78 -25.59
C THR A 35 20.66 2.01 -25.37
N ASN A 36 21.46 1.34 -26.21
CA ASN A 36 22.93 1.44 -26.21
C ASN A 36 23.33 2.50 -27.25
N LEU A 37 23.89 3.62 -26.79
CA LEU A 37 24.25 4.79 -27.59
C LEU A 37 25.32 4.50 -28.67
N ASN A 38 26.08 3.41 -28.55
CA ASN A 38 27.14 3.06 -29.51
C ASN A 38 26.76 1.93 -30.50
N LYS A 39 25.48 1.45 -30.44
CA LYS A 39 25.02 0.34 -31.27
C LYS A 39 24.01 0.81 -32.34
N VAL A 40 24.13 0.25 -33.58
CA VAL A 40 23.21 0.53 -34.69
C VAL A 40 21.89 -0.25 -34.43
N ASN A 41 20.71 0.38 -34.68
CA ASN A 41 19.39 -0.24 -34.49
C ASN A 41 19.25 -0.84 -33.07
N SER A 42 19.71 -0.11 -32.05
CA SER A 42 19.65 -0.57 -30.67
C SER A 42 18.18 -0.74 -30.23
N VAL A 43 17.90 -1.82 -29.51
CA VAL A 43 16.56 -2.12 -28.95
C VAL A 43 16.78 -2.65 -27.53
N GLY A 44 16.11 -2.03 -26.58
CA GLY A 44 16.11 -2.44 -25.18
C GLY A 44 14.72 -2.38 -24.60
N ARG A 45 14.31 -3.46 -23.86
CA ARG A 45 13.01 -3.60 -23.23
C ARG A 45 13.11 -4.13 -21.81
N VAL A 46 12.23 -3.66 -20.92
CA VAL A 46 12.11 -4.12 -19.54
C VAL A 46 10.66 -4.57 -19.34
N LEU A 47 10.47 -5.73 -18.68
CA LEU A 47 9.15 -6.28 -18.40
C LEU A 47 9.01 -6.62 -16.93
N TYR A 48 7.79 -6.44 -16.39
CA TYR A 48 7.52 -6.91 -15.06
C TYR A 48 7.52 -8.44 -15.21
N ALA A 49 8.39 -9.13 -14.46
CA ALA A 49 8.64 -10.57 -14.66
C ALA A 49 7.43 -11.47 -14.42
N MET A 50 6.48 -11.06 -13.58
CA MET A 50 5.31 -11.90 -13.34
C MET A 50 4.23 -11.66 -14.39
N PRO A 51 3.71 -12.72 -15.04
CA PRO A 51 2.59 -12.54 -15.98
C PRO A 51 1.37 -12.02 -15.19
N VAL A 52 0.61 -11.12 -15.79
CA VAL A 52 -0.57 -10.56 -15.13
C VAL A 52 -1.80 -11.10 -15.85
N ARG A 53 -2.73 -11.70 -15.09
CA ARG A 53 -3.97 -12.21 -15.68
C ARG A 53 -4.89 -10.99 -15.86
N ILE A 54 -4.97 -10.43 -17.10
CA ILE A 54 -5.76 -9.23 -17.35
C ILE A 54 -7.23 -9.57 -17.62
N TRP A 55 -7.53 -10.84 -17.98
CA TRP A 55 -8.92 -11.25 -18.21
C TRP A 55 -9.09 -12.76 -17.98
N SER A 56 -10.32 -13.18 -17.70
CA SER A 56 -10.64 -14.57 -17.38
C SER A 56 -11.63 -15.17 -18.36
N SER A 57 -11.26 -16.30 -18.97
CA SER A 57 -12.15 -17.05 -19.89
C SER A 57 -13.33 -17.70 -19.12
N ALA A 58 -13.16 -17.95 -17.81
CA ALA A 58 -14.15 -18.55 -16.93
C ALA A 58 -15.31 -17.58 -16.63
N THR A 59 -15.01 -16.35 -16.14
CA THR A 59 -16.03 -15.35 -15.78
C THR A 59 -16.34 -14.36 -16.91
N GLY A 60 -15.40 -14.18 -17.85
CA GLY A 60 -15.53 -13.19 -18.91
C GLY A 60 -15.08 -11.81 -18.42
N ASN A 61 -14.73 -11.70 -17.12
CA ASN A 61 -14.31 -10.44 -16.49
C ASN A 61 -12.93 -9.98 -16.98
N VAL A 62 -12.76 -8.65 -17.06
CA VAL A 62 -11.54 -7.96 -17.49
C VAL A 62 -11.08 -7.06 -16.35
N ALA A 63 -9.78 -7.07 -16.07
CA ALA A 63 -9.22 -6.25 -15.00
C ALA A 63 -9.17 -4.76 -15.39
N SER A 64 -9.25 -3.91 -14.38
CA SER A 64 -8.98 -2.48 -14.51
C SER A 64 -7.59 -2.29 -13.98
N PHE A 65 -6.91 -1.22 -14.38
CA PHE A 65 -5.59 -0.93 -13.83
C PHE A 65 -5.30 0.57 -13.78
N LEU A 66 -4.42 0.92 -12.85
CA LEU A 66 -3.90 2.26 -12.63
C LEU A 66 -2.38 2.13 -12.60
N THR A 67 -1.71 2.90 -13.44
CA THR A 67 -0.25 2.82 -13.45
C THR A 67 0.35 4.20 -13.66
N SER A 68 1.43 4.47 -12.96
CA SER A 68 2.16 5.72 -13.12
C SER A 68 3.64 5.42 -13.30
N PHE A 69 4.31 6.19 -14.15
CA PHE A 69 5.73 6.02 -14.42
C PHE A 69 6.33 7.35 -14.79
N SER A 70 7.66 7.48 -14.60
CA SER A 70 8.42 8.66 -14.99
C SER A 70 9.59 8.27 -15.84
N PHE A 71 9.78 9.01 -16.92
CA PHE A 71 10.87 8.76 -17.85
C PHE A 71 11.59 10.05 -18.20
N GLU A 72 12.70 9.90 -18.93
CA GLU A 72 13.51 11.00 -19.42
C GLU A 72 14.15 10.61 -20.75
N MET A 73 14.09 11.52 -21.72
CA MET A 73 14.79 11.37 -22.99
C MET A 73 15.76 12.54 -23.12
N LYS A 74 17.02 12.25 -23.42
CA LYS A 74 18.06 13.28 -23.52
C LYS A 74 18.85 13.16 -24.83
N ASP A 75 19.03 14.29 -25.53
CA ASP A 75 19.79 14.36 -26.77
C ASP A 75 21.24 14.05 -26.52
N ILE A 76 21.88 13.47 -27.52
CA ILE A 76 23.31 13.21 -27.50
C ILE A 76 23.88 13.93 -28.67
N LYS A 77 25.14 14.32 -28.60
CA LYS A 77 25.78 15.06 -29.68
C LYS A 77 25.73 14.27 -31.02
N ASP A 78 25.50 15.01 -32.13
CA ASP A 78 25.51 14.58 -33.53
C ASP A 78 24.32 13.72 -33.99
N TYR A 79 23.85 12.76 -33.18
CA TYR A 79 22.75 11.88 -33.62
C TYR A 79 21.39 12.58 -33.49
N ASP A 80 20.47 12.12 -34.31
CA ASP A 80 19.11 12.60 -34.30
C ASP A 80 18.42 12.12 -33.04
N PRO A 81 17.77 13.00 -32.23
CA PRO A 81 17.10 12.49 -31.01
C PRO A 81 15.93 11.59 -31.42
N ALA A 82 16.18 10.28 -31.39
CA ALA A 82 15.23 9.26 -31.84
C ALA A 82 15.50 7.91 -31.10
N ASP A 83 14.49 6.99 -31.01
CA ASP A 83 13.18 7.12 -31.65
C ASP A 83 12.02 7.30 -30.69
N GLY A 84 12.25 7.03 -29.41
CA GLY A 84 11.23 7.15 -28.37
C GLY A 84 11.03 5.91 -27.53
N ILE A 85 10.08 6.03 -26.60
CA ILE A 85 9.73 4.97 -25.64
C ILE A 85 8.27 4.54 -25.86
N ILE A 86 7.97 3.25 -25.67
CA ILE A 86 6.60 2.76 -25.67
C ILE A 86 6.36 1.96 -24.36
N PHE A 87 5.27 2.30 -23.68
CA PHE A 87 4.76 1.56 -22.51
C PHE A 87 3.85 0.52 -23.13
N PHE A 88 4.15 -0.77 -22.97
CA PHE A 88 3.37 -1.75 -23.71
C PHE A 88 2.93 -2.95 -22.87
N ILE A 89 1.94 -3.65 -23.41
CA ILE A 89 1.24 -4.83 -22.91
C ILE A 89 1.31 -5.86 -24.00
N ALA A 90 1.75 -7.05 -23.68
CA ALA A 90 1.93 -8.06 -24.75
C ALA A 90 1.76 -9.49 -24.21
N PRO A 91 1.63 -10.52 -25.08
CA PRO A 91 1.56 -11.92 -24.58
C PRO A 91 2.74 -12.22 -23.68
N GLU A 92 2.55 -13.11 -22.69
CA GLU A 92 3.58 -13.36 -21.68
C GLU A 92 4.93 -13.85 -22.26
N ASP A 93 4.94 -14.41 -23.47
CA ASP A 93 6.15 -14.94 -24.13
C ASP A 93 6.80 -13.88 -25.04
N THR A 94 6.42 -12.60 -24.87
CA THR A 94 6.91 -11.52 -25.73
C THR A 94 8.44 -11.37 -25.70
N GLN A 95 9.01 -11.22 -26.90
CA GLN A 95 10.43 -11.01 -27.15
C GLN A 95 10.61 -9.90 -28.16
N ILE A 96 11.80 -9.27 -28.19
CA ILE A 96 12.14 -8.28 -29.23
C ILE A 96 11.92 -8.99 -30.59
N PRO A 97 11.15 -8.41 -31.55
CA PRO A 97 10.95 -9.07 -32.85
C PRO A 97 12.27 -9.52 -33.49
N ALA A 98 12.31 -10.76 -33.99
CA ALA A 98 13.53 -11.32 -34.62
C ALA A 98 13.90 -10.47 -35.85
N GLY A 99 15.18 -10.08 -35.91
CA GLY A 99 15.72 -9.25 -36.97
C GLY A 99 15.27 -7.80 -36.88
N SER A 100 14.90 -7.33 -35.66
CA SER A 100 14.45 -5.97 -35.40
C SER A 100 15.36 -4.91 -35.97
N ILE A 101 14.75 -3.97 -36.70
CA ILE A 101 15.47 -2.85 -37.31
C ILE A 101 15.49 -1.65 -36.33
N GLY A 102 14.95 -1.86 -35.12
CA GLY A 102 14.83 -0.78 -34.14
C GLY A 102 14.10 0.40 -34.75
N GLY A 103 14.70 1.58 -34.69
CA GLY A 103 14.15 2.80 -35.29
C GLY A 103 12.68 3.05 -34.93
N GLY A 104 11.86 3.24 -35.97
CA GLY A 104 10.44 3.55 -35.86
C GLY A 104 9.57 2.43 -35.32
N THR A 105 10.11 1.20 -35.32
CA THR A 105 9.41 0.02 -34.81
C THR A 105 9.26 0.08 -33.26
N LEU A 106 10.07 0.93 -32.57
CA LEU A 106 10.10 1.14 -31.11
C LEU A 106 10.37 -0.18 -30.33
N GLY A 107 10.94 -1.17 -31.03
CA GLY A 107 11.27 -2.46 -30.45
C GLY A 107 10.12 -3.42 -30.20
N VAL A 108 8.93 -3.12 -30.70
CA VAL A 108 7.75 -3.96 -30.47
C VAL A 108 7.15 -4.49 -31.77
N SER A 109 7.62 -3.99 -32.94
CA SER A 109 7.02 -4.40 -34.20
C SER A 109 8.05 -4.84 -35.27
N ASP A 110 7.52 -5.40 -36.37
CA ASP A 110 8.35 -5.82 -37.50
C ASP A 110 8.63 -4.58 -38.39
N THR A 111 9.29 -4.78 -39.55
CA THR A 111 9.61 -3.70 -40.48
C THR A 111 8.35 -3.01 -41.00
N LYS A 112 7.26 -3.76 -41.23
CA LYS A 112 5.98 -3.21 -41.70
C LYS A 112 5.19 -2.45 -40.60
N GLY A 113 5.70 -2.50 -39.36
CA GLY A 113 5.13 -1.83 -38.20
C GLY A 113 4.09 -2.62 -37.45
N ALA A 114 3.98 -3.93 -37.75
CA ALA A 114 3.01 -4.84 -37.13
C ALA A 114 3.63 -5.67 -36.02
N GLY A 115 2.81 -5.96 -35.01
CA GLY A 115 3.17 -6.77 -33.86
C GLY A 115 1.96 -7.18 -33.05
N HIS A 116 2.21 -7.88 -31.94
CA HIS A 116 1.15 -8.33 -31.05
C HIS A 116 1.36 -7.61 -29.72
N PHE A 117 0.68 -6.45 -29.56
CA PHE A 117 0.84 -5.62 -28.36
C PHE A 117 -0.19 -4.51 -28.33
N VAL A 118 -0.35 -3.90 -27.16
CA VAL A 118 -1.16 -2.71 -26.93
C VAL A 118 -0.22 -1.76 -26.23
N GLY A 119 -0.09 -0.53 -26.71
CA GLY A 119 0.85 0.37 -26.07
C GLY A 119 0.52 1.85 -26.12
N VAL A 120 1.27 2.62 -25.33
CA VAL A 120 1.25 4.08 -25.30
C VAL A 120 2.66 4.54 -25.66
N GLU A 121 2.84 5.07 -26.88
CA GLU A 121 4.14 5.51 -27.36
C GLU A 121 4.37 7.01 -27.13
N PHE A 122 5.64 7.35 -26.85
CA PHE A 122 6.17 8.70 -26.66
C PHE A 122 7.19 8.83 -27.78
N ASP A 123 6.68 9.13 -28.97
CA ASP A 123 7.41 9.09 -30.23
C ASP A 123 8.08 10.42 -30.59
N THR A 124 9.43 10.40 -30.79
CA THR A 124 10.21 11.62 -31.03
C THR A 124 10.78 11.74 -32.47
N TYR A 125 10.31 10.91 -33.41
CA TYR A 125 10.76 10.95 -34.81
C TYR A 125 9.61 10.56 -35.74
N SER A 126 9.36 11.38 -36.79
CA SER A 126 8.25 11.16 -37.72
C SER A 126 8.62 10.17 -38.82
N ASN A 127 8.09 8.94 -38.71
CA ASN A 127 8.28 7.85 -39.66
C ASN A 127 7.12 7.83 -40.66
N SER A 128 7.34 8.35 -41.89
CA SER A 128 6.32 8.41 -42.94
C SER A 128 5.79 7.01 -43.26
N GLU A 129 6.67 5.98 -43.17
CA GLU A 129 6.35 4.57 -43.44
C GLU A 129 5.29 4.03 -42.44
N TYR A 130 5.13 4.68 -41.27
CA TYR A 130 4.15 4.28 -40.25
C TYR A 130 3.05 5.35 -40.06
N ASN A 131 2.93 6.26 -41.05
CA ASN A 131 1.96 7.37 -41.09
C ASN A 131 2.03 8.22 -39.81
N ASP A 132 3.25 8.45 -39.29
CA ASP A 132 3.46 9.28 -38.09
C ASP A 132 3.00 10.72 -38.33
N PRO A 133 2.46 11.43 -37.33
CA PRO A 133 2.14 12.86 -37.55
C PRO A 133 3.46 13.66 -37.71
N PRO A 134 3.45 14.93 -38.21
CA PRO A 134 4.73 15.62 -38.47
C PRO A 134 5.56 16.04 -37.24
N THR A 135 4.96 16.11 -36.03
CA THR A 135 5.69 16.52 -34.81
C THR A 135 5.77 15.38 -33.79
N ASP A 136 6.52 15.57 -32.66
CA ASP A 136 6.55 14.62 -31.52
C ASP A 136 5.11 14.37 -31.07
N HIS A 137 4.82 13.14 -30.65
CA HIS A 137 3.45 12.79 -30.29
C HIS A 137 3.36 11.63 -29.31
N VAL A 138 2.23 11.59 -28.61
CA VAL A 138 1.84 10.47 -27.76
C VAL A 138 0.82 9.72 -28.58
N GLY A 139 1.02 8.42 -28.71
CA GLY A 139 0.11 7.60 -29.50
C GLY A 139 -0.43 6.41 -28.74
N ILE A 140 -1.60 5.94 -29.15
CA ILE A 140 -2.22 4.73 -28.62
C ILE A 140 -2.13 3.72 -29.75
N ASP A 141 -1.46 2.62 -29.46
CA ASP A 141 -1.11 1.59 -30.44
C ASP A 141 -1.78 0.27 -30.15
N VAL A 142 -2.33 -0.33 -31.20
CA VAL A 142 -3.00 -1.60 -31.14
C VAL A 142 -2.46 -2.45 -32.28
N ASN A 143 -1.52 -3.35 -31.92
CA ASN A 143 -0.85 -4.30 -32.83
C ASN A 143 -0.09 -3.61 -34.00
N SER A 144 0.21 -2.32 -33.86
CA SER A 144 0.88 -1.55 -34.90
C SER A 144 1.44 -0.26 -34.35
N VAL A 145 2.57 0.18 -34.92
CA VAL A 145 3.18 1.47 -34.61
C VAL A 145 2.54 2.55 -35.54
N ASP A 146 1.56 2.15 -36.40
CA ASP A 146 0.71 3.09 -37.10
C ASP A 146 -0.45 3.30 -36.13
N SER A 147 -0.27 4.26 -35.21
CA SER A 147 -1.19 4.49 -34.10
C SER A 147 -2.67 4.60 -34.50
N VAL A 148 -3.53 4.04 -33.64
CA VAL A 148 -4.99 4.16 -33.77
C VAL A 148 -5.32 5.65 -33.62
N LYS A 149 -4.58 6.33 -32.71
CA LYS A 149 -4.78 7.74 -32.42
C LYS A 149 -3.49 8.34 -31.86
N THR A 150 -3.26 9.62 -32.15
CA THR A 150 -2.13 10.38 -31.62
C THR A 150 -2.61 11.74 -31.15
N VAL A 151 -1.77 12.39 -30.36
CA VAL A 151 -1.98 13.76 -29.88
C VAL A 151 -0.61 14.48 -30.01
N PRO A 152 -0.56 15.76 -30.49
CA PRO A 152 0.74 16.46 -30.54
C PRO A 152 1.31 16.62 -29.12
N TRP A 153 2.61 16.43 -29.01
CA TRP A 153 3.33 16.52 -27.76
C TRP A 153 4.70 17.10 -28.08
N ASN A 154 5.56 17.27 -27.08
CA ASN A 154 6.91 17.81 -27.28
C ASN A 154 7.85 17.11 -26.32
N SER A 155 8.87 16.39 -26.85
CA SER A 155 9.86 15.73 -26.02
C SER A 155 11.01 16.72 -25.74
N VAL A 156 11.11 17.17 -24.49
CA VAL A 156 12.10 18.13 -24.01
C VAL A 156 13.35 17.37 -23.50
N SER A 157 14.51 17.63 -24.13
CA SER A 157 15.78 16.97 -23.76
C SER A 157 16.14 17.23 -22.28
N GLY A 158 16.37 16.15 -21.53
CA GLY A 158 16.74 16.21 -20.11
C GLY A 158 15.59 16.44 -19.15
N ALA A 159 14.35 16.51 -19.65
CA ALA A 159 13.18 16.75 -18.82
C ALA A 159 12.59 15.45 -18.27
N VAL A 160 12.22 15.46 -16.97
CA VAL A 160 11.57 14.32 -16.35
C VAL A 160 10.08 14.43 -16.66
N VAL A 161 9.54 13.41 -17.32
CA VAL A 161 8.13 13.34 -17.72
C VAL A 161 7.40 12.35 -16.80
N LYS A 162 6.21 12.72 -16.30
CA LYS A 162 5.35 11.89 -15.47
C LYS A 162 4.14 11.46 -16.30
N VAL A 163 3.76 10.20 -16.18
CA VAL A 163 2.63 9.64 -16.90
C VAL A 163 1.72 8.89 -15.93
N THR A 164 0.42 9.06 -16.10
CA THR A 164 -0.59 8.33 -15.37
C THR A 164 -1.50 7.71 -16.41
N VAL A 165 -1.79 6.43 -16.25
CA VAL A 165 -2.65 5.69 -17.17
C VAL A 165 -3.76 4.99 -16.36
N ILE A 166 -5.01 5.13 -16.83
CA ILE A 166 -6.14 4.44 -16.24
C ILE A 166 -6.77 3.57 -17.31
N TYR A 167 -6.92 2.25 -17.02
CA TYR A 167 -7.71 1.41 -17.91
C TYR A 167 -8.97 1.01 -17.16
N ASP A 168 -10.12 1.45 -17.66
CA ASP A 168 -11.43 1.11 -17.08
C ASP A 168 -12.02 -0.07 -17.84
N SER A 169 -12.07 -1.27 -17.23
CA SER A 169 -12.51 -2.47 -17.93
C SER A 169 -13.97 -2.40 -18.46
N SER A 170 -14.92 -1.80 -17.71
CA SER A 170 -16.33 -1.71 -18.11
C SER A 170 -16.53 -0.93 -19.45
N THR A 171 -15.89 0.24 -19.59
CA THR A 171 -15.98 1.04 -20.82
C THR A 171 -14.88 0.66 -21.84
N LYS A 172 -13.91 -0.15 -21.39
CA LYS A 172 -12.74 -0.55 -22.18
C LYS A 172 -11.90 0.70 -22.58
N THR A 173 -11.97 1.76 -21.76
CA THR A 173 -11.24 3.00 -22.06
C THR A 173 -9.86 3.00 -21.46
N LEU A 174 -8.85 3.26 -22.31
CA LEU A 174 -7.45 3.48 -21.93
C LEU A 174 -7.22 5.00 -21.94
N SER A 175 -7.13 5.61 -20.75
CA SER A 175 -6.91 7.06 -20.60
C SER A 175 -5.49 7.33 -20.13
N VAL A 176 -4.83 8.32 -20.76
CA VAL A 176 -3.42 8.70 -20.53
C VAL A 176 -3.31 10.20 -20.23
N ALA A 177 -2.58 10.55 -19.14
CA ALA A 177 -2.27 11.94 -18.79
C ALA A 177 -0.76 12.06 -18.64
N VAL A 178 -0.16 12.96 -19.43
CA VAL A 178 1.30 13.19 -19.50
C VAL A 178 1.59 14.58 -18.96
N THR A 179 2.39 14.66 -17.87
CA THR A 179 2.74 15.90 -17.21
C THR A 179 4.15 16.28 -17.62
N ASN A 180 4.25 17.38 -18.39
CA ASN A 180 5.49 17.95 -18.91
C ASN A 180 6.24 18.77 -17.85
N ASP A 181 7.49 19.16 -18.20
CA ASP A 181 8.42 19.94 -17.38
C ASP A 181 7.88 21.34 -17.13
N ASN A 182 7.30 21.99 -18.17
CA ASN A 182 6.76 23.36 -18.11
C ASN A 182 5.39 23.42 -17.36
N GLY A 183 4.96 22.29 -16.78
CA GLY A 183 3.74 22.20 -16.00
C GLY A 183 2.47 21.79 -16.75
N ASP A 184 2.43 21.96 -18.09
CA ASP A 184 1.27 21.62 -18.91
C ASP A 184 1.00 20.13 -18.94
N ILE A 185 -0.29 19.75 -19.09
CA ILE A 185 -0.69 18.36 -19.22
C ILE A 185 -1.14 18.10 -20.64
N THR A 186 -0.86 16.88 -21.12
CA THR A 186 -1.28 16.35 -22.42
C THR A 186 -2.12 15.10 -22.12
N THR A 187 -3.29 14.96 -22.73
CA THR A 187 -4.09 13.74 -22.54
C THR A 187 -4.44 13.09 -23.86
N ILE A 188 -4.69 11.79 -23.80
CA ILE A 188 -5.16 10.99 -24.94
C ILE A 188 -5.92 9.79 -24.35
N ALA A 189 -7.04 9.44 -24.95
CA ALA A 189 -7.86 8.33 -24.51
C ALA A 189 -8.42 7.59 -25.73
N GLN A 190 -8.57 6.28 -25.60
CA GLN A 190 -9.04 5.42 -26.70
C GLN A 190 -9.70 4.18 -26.13
N VAL A 191 -10.84 3.77 -26.72
CA VAL A 191 -11.48 2.50 -26.35
C VAL A 191 -10.65 1.39 -27.00
N VAL A 192 -10.08 0.51 -26.18
CA VAL A 192 -9.26 -0.65 -26.59
C VAL A 192 -9.78 -1.86 -25.82
N ASP A 193 -10.27 -2.88 -26.53
CA ASP A 193 -10.80 -4.11 -25.92
C ASP A 193 -9.64 -5.07 -25.69
N LEU A 194 -9.07 -5.03 -24.47
CA LEU A 194 -7.92 -5.86 -24.11
C LEU A 194 -8.25 -7.37 -24.21
N LYS A 195 -9.47 -7.76 -23.85
CA LYS A 195 -9.95 -9.15 -23.96
C LYS A 195 -9.98 -9.65 -25.44
N ALA A 196 -10.22 -8.75 -26.41
CA ALA A 196 -10.27 -9.10 -27.83
C ALA A 196 -8.90 -9.05 -28.51
N LYS A 197 -7.98 -8.26 -28.00
CA LYS A 197 -6.68 -8.04 -28.65
C LYS A 197 -5.53 -8.77 -27.96
N LEU A 198 -5.72 -9.17 -26.71
CA LEU A 198 -4.64 -9.80 -25.94
C LEU A 198 -5.06 -11.14 -25.30
N PRO A 199 -4.08 -12.04 -24.99
CA PRO A 199 -4.43 -13.27 -24.27
C PRO A 199 -4.76 -12.99 -22.81
N GLU A 200 -5.25 -14.02 -22.09
CA GLU A 200 -5.61 -13.87 -20.68
C GLU A 200 -4.43 -13.41 -19.81
N ARG A 201 -3.23 -13.94 -20.06
CA ARG A 201 -1.98 -13.65 -19.32
C ARG A 201 -1.05 -12.84 -20.22
N VAL A 202 -0.60 -11.71 -19.68
CA VAL A 202 0.28 -10.79 -20.40
C VAL A 202 1.46 -10.32 -19.57
N LYS A 203 2.36 -9.59 -20.21
CA LYS A 203 3.44 -8.91 -19.53
C LYS A 203 3.35 -7.40 -19.84
N PHE A 204 3.66 -6.59 -18.86
CA PHE A 204 3.69 -5.14 -18.98
C PHE A 204 5.15 -4.72 -18.97
N GLY A 205 5.50 -3.70 -19.75
CA GLY A 205 6.86 -3.20 -19.71
C GLY A 205 7.04 -1.94 -20.51
N PHE A 206 8.31 -1.63 -20.82
CA PHE A 206 8.73 -0.50 -21.61
C PHE A 206 9.73 -0.97 -22.67
N SER A 207 9.72 -0.32 -23.82
CA SER A 207 10.64 -0.59 -24.92
C SER A 207 11.07 0.71 -25.56
N ALA A 208 12.30 0.76 -26.06
CA ALA A 208 12.84 1.94 -26.77
C ALA A 208 13.82 1.47 -27.82
N SER A 209 13.99 2.26 -28.86
CA SER A 209 14.89 1.86 -29.95
C SER A 209 15.54 3.06 -30.62
N GLY A 210 16.59 2.77 -31.37
CA GLY A 210 17.29 3.75 -32.15
C GLY A 210 17.65 3.16 -33.50
N SER A 211 18.38 3.93 -34.31
CA SER A 211 18.83 3.52 -35.62
C SER A 211 20.31 3.91 -35.81
N LEU A 212 20.82 3.84 -37.03
CA LEU A 212 22.21 4.24 -37.27
C LEU A 212 22.41 5.71 -36.90
N GLY A 213 21.56 6.59 -37.45
CA GLY A 213 21.61 8.03 -37.25
C GLY A 213 20.73 8.63 -36.17
N GLY A 214 19.74 7.85 -35.71
CA GLY A 214 18.82 8.31 -34.67
C GLY A 214 19.08 7.60 -33.38
N ARG A 215 19.66 8.33 -32.42
CA ARG A 215 20.01 7.81 -31.10
C ARG A 215 19.81 8.89 -30.06
N GLN A 216 19.36 8.49 -28.89
CA GLN A 216 19.20 9.37 -27.74
C GLN A 216 19.21 8.54 -26.46
N ILE A 217 19.38 9.22 -25.32
CA ILE A 217 19.31 8.56 -24.01
C ILE A 217 17.80 8.32 -23.71
N HIS A 218 17.40 7.05 -23.44
CA HIS A 218 16.01 6.68 -23.06
C HIS A 218 16.04 6.10 -21.66
N LEU A 219 15.54 6.86 -20.66
CA LEU A 219 15.56 6.43 -19.25
C LEU A 219 14.18 6.19 -18.65
N ILE A 220 14.03 5.12 -17.88
CA ILE A 220 12.86 4.81 -17.06
C ILE A 220 13.35 5.07 -15.64
N ARG A 221 12.69 6.00 -14.92
CA ARG A 221 13.07 6.41 -13.57
C ARG A 221 12.29 5.75 -12.45
N SER A 222 10.98 5.56 -12.63
CA SER A 222 10.11 4.96 -11.62
C SER A 222 8.87 4.35 -12.26
N TRP A 223 8.22 3.42 -11.55
CA TRP A 223 7.02 2.75 -12.05
C TRP A 223 6.21 2.12 -10.92
N SER A 224 4.92 2.50 -10.82
CA SER A 224 3.98 1.93 -9.88
C SER A 224 2.81 1.38 -10.68
N PHE A 225 2.20 0.31 -10.18
CA PHE A 225 1.12 -0.33 -10.92
C PHE A 225 0.20 -1.04 -9.98
N THR A 226 -1.11 -0.98 -10.26
CA THR A 226 -2.12 -1.74 -9.55
C THR A 226 -3.16 -2.19 -10.55
N SER A 227 -3.44 -3.48 -10.59
CA SER A 227 -4.52 -4.05 -11.41
C SER A 227 -5.43 -4.82 -10.49
N THR A 228 -6.73 -4.77 -10.75
CA THR A 228 -7.73 -5.51 -9.96
C THR A 228 -8.73 -6.16 -10.91
N LEU A 229 -8.86 -7.49 -10.80
CA LEU A 229 -9.80 -8.31 -11.58
C LEU A 229 -10.86 -8.85 -10.61
N ILE A 230 -12.13 -8.61 -10.94
CA ILE A 230 -13.23 -9.14 -10.14
C ILE A 230 -13.29 -10.66 -10.42
N THR A 231 -13.24 -11.46 -9.35
CA THR A 231 -13.30 -12.94 -9.40
C THR A 231 -14.69 -13.32 -8.88
N THR A 232 -15.59 -13.69 -9.81
CA THR A 232 -16.98 -13.97 -9.48
C THR A 232 -17.42 -15.26 -10.17
N ALA B 1 16.18 0.94 -2.28
CA ALA B 1 16.07 -0.43 -1.81
C ALA B 1 15.11 -1.27 -2.68
N GLU B 2 15.28 -2.60 -2.64
CA GLU B 2 14.51 -3.58 -3.40
C GLU B 2 13.43 -4.20 -2.51
N THR B 3 12.18 -3.95 -2.85
CA THR B 3 11.02 -4.39 -2.06
C THR B 3 10.06 -5.24 -2.88
N VAL B 4 9.61 -6.36 -2.26
CA VAL B 4 8.56 -7.25 -2.75
C VAL B 4 7.39 -7.07 -1.78
N SER B 5 6.21 -6.71 -2.30
CA SER B 5 5.03 -6.52 -1.49
C SER B 5 3.81 -7.10 -2.18
N PHE B 6 2.97 -7.81 -1.41
CA PHE B 6 1.72 -8.35 -1.94
C PHE B 6 0.69 -8.54 -0.81
N ASN B 7 -0.58 -8.67 -1.19
CA ASN B 7 -1.66 -8.88 -0.25
C ASN B 7 -2.77 -9.67 -0.91
N PHE B 8 -3.11 -10.83 -0.31
CA PHE B 8 -4.18 -11.73 -0.72
C PHE B 8 -5.25 -11.79 0.37
N ASN B 9 -6.43 -11.30 0.05
CA ASN B 9 -7.60 -11.35 0.94
C ASN B 9 -8.38 -12.62 0.62
N SER B 10 -8.09 -13.18 -0.56
CA SER B 10 -8.69 -14.38 -1.16
C SER B 10 -7.75 -14.90 -2.23
N PHE B 11 -8.04 -16.11 -2.70
CA PHE B 11 -7.23 -16.74 -3.74
C PHE B 11 -8.11 -17.24 -4.88
N SER B 12 -7.48 -17.50 -6.04
CA SER B 12 -8.17 -18.02 -7.21
C SER B 12 -7.24 -18.84 -8.08
N GLU B 13 -7.80 -19.89 -8.68
CA GLU B 13 -7.13 -20.75 -9.65
C GLU B 13 -6.77 -19.87 -10.85
N GLY B 14 -5.62 -20.11 -11.43
CA GLY B 14 -5.24 -19.34 -12.61
C GLY B 14 -4.56 -18.02 -12.31
N ASN B 15 -4.48 -17.63 -11.01
CA ASN B 15 -3.74 -16.43 -10.59
C ASN B 15 -2.26 -16.75 -10.82
N PRO B 16 -1.60 -16.12 -11.84
CA PRO B 16 -0.19 -16.46 -12.14
C PRO B 16 0.78 -16.05 -11.01
N ALA B 17 0.31 -15.30 -10.02
CA ALA B 17 1.10 -14.88 -8.87
C ALA B 17 1.36 -16.03 -7.87
N ILE B 18 0.58 -17.14 -7.98
CA ILE B 18 0.69 -18.29 -7.07
C ILE B 18 1.03 -19.57 -7.84
N ASN B 19 2.01 -20.33 -7.30
CA ASN B 19 2.40 -21.66 -7.80
C ASN B 19 1.71 -22.69 -6.95
N PHE B 20 0.93 -23.57 -7.60
CA PHE B 20 0.22 -24.64 -6.91
C PHE B 20 0.99 -25.95 -7.10
N GLN B 21 1.32 -26.62 -6.00
CA GLN B 21 2.06 -27.89 -6.03
C GLN B 21 1.24 -28.99 -5.35
N GLY B 22 1.17 -30.15 -5.99
CA GLY B 22 0.48 -31.30 -5.44
C GLY B 22 -1.04 -31.17 -5.34
N ASP B 23 -1.58 -31.57 -4.19
CA ASP B 23 -3.02 -31.72 -3.97
C ASP B 23 -3.81 -30.44 -3.61
N VAL B 24 -3.24 -29.26 -3.83
CA VAL B 24 -3.90 -27.99 -3.53
C VAL B 24 -5.12 -27.77 -4.41
N THR B 25 -6.17 -27.14 -3.83
CA THR B 25 -7.36 -26.69 -4.55
C THR B 25 -7.78 -25.33 -4.00
N VAL B 26 -8.51 -24.56 -4.79
CA VAL B 26 -9.06 -23.28 -4.38
C VAL B 26 -10.55 -23.50 -4.25
N LEU B 27 -11.10 -23.19 -3.07
CA LEU B 27 -12.52 -23.35 -2.80
C LEU B 27 -13.29 -22.15 -3.36
N SER B 28 -14.60 -22.34 -3.58
CA SER B 28 -15.50 -21.30 -4.13
C SER B 28 -15.49 -20.03 -3.29
N ASN B 29 -15.23 -20.15 -1.97
CA ASN B 29 -15.17 -18.99 -1.07
C ASN B 29 -13.81 -18.24 -1.12
N GLY B 30 -12.86 -18.71 -1.93
CA GLY B 30 -11.56 -18.08 -2.07
C GLY B 30 -10.44 -18.66 -1.21
N ASN B 31 -10.76 -19.57 -0.29
CA ASN B 31 -9.74 -20.23 0.54
C ASN B 31 -8.91 -21.24 -0.25
N ILE B 32 -7.64 -21.42 0.17
CA ILE B 32 -6.77 -22.44 -0.38
C ILE B 32 -6.92 -23.65 0.53
N GLN B 33 -7.24 -24.83 -0.04
CA GLN B 33 -7.31 -26.09 0.69
C GLN B 33 -6.08 -26.86 0.26
N LEU B 34 -5.16 -27.07 1.19
CA LEU B 34 -3.87 -27.66 0.93
C LEU B 34 -3.84 -29.16 0.69
N THR B 35 -4.58 -29.94 1.47
CA THR B 35 -4.56 -31.40 1.27
C THR B 35 -5.88 -31.99 0.71
N ASN B 36 -5.77 -33.18 0.07
CA ASN B 36 -6.89 -33.91 -0.50
C ASN B 36 -7.33 -34.94 0.53
N LEU B 37 -8.54 -34.78 1.06
CA LEU B 37 -9.14 -35.60 2.11
C LEU B 37 -9.33 -37.08 1.73
N ASN B 38 -9.35 -37.40 0.42
CA ASN B 38 -9.57 -38.79 -0.03
C ASN B 38 -8.27 -39.50 -0.51
N LYS B 39 -7.10 -38.85 -0.37
CA LYS B 39 -5.82 -39.39 -0.83
C LYS B 39 -4.90 -39.75 0.34
N VAL B 40 -4.15 -40.88 0.21
CA VAL B 40 -3.18 -41.35 1.21
C VAL B 40 -1.91 -40.47 1.06
N ASN B 41 -1.26 -40.11 2.18
CA ASN B 41 -0.03 -39.30 2.21
C ASN B 41 -0.18 -38.03 1.36
N SER B 42 -1.36 -37.37 1.44
CA SER B 42 -1.60 -36.16 0.65
C SER B 42 -0.61 -35.06 1.01
N VAL B 43 -0.10 -34.36 0.00
CA VAL B 43 0.80 -33.22 0.19
C VAL B 43 0.36 -32.14 -0.82
N GLY B 44 0.10 -30.95 -0.31
CA GLY B 44 -0.19 -29.77 -1.13
C GLY B 44 0.63 -28.58 -0.65
N ARG B 45 1.13 -27.78 -1.59
CA ARG B 45 1.90 -26.59 -1.29
C ARG B 45 1.53 -25.44 -2.22
N VAL B 46 1.57 -24.22 -1.69
CA VAL B 46 1.36 -22.97 -2.45
C VAL B 46 2.59 -22.10 -2.26
N LEU B 47 3.11 -21.52 -3.35
CA LEU B 47 4.27 -20.65 -3.31
C LEU B 47 3.97 -19.35 -4.00
N TYR B 48 4.54 -18.25 -3.48
CA TYR B 48 4.45 -16.99 -4.18
C TYR B 48 5.32 -17.21 -5.42
N ALA B 49 4.74 -17.04 -6.64
CA ALA B 49 5.42 -17.42 -7.90
C ALA B 49 6.69 -16.63 -8.19
N MET B 50 6.81 -15.40 -7.70
CA MET B 50 8.03 -14.64 -7.95
C MET B 50 9.11 -14.98 -6.93
N PRO B 51 10.35 -15.35 -7.40
CA PRO B 51 11.44 -15.55 -6.42
C PRO B 51 11.74 -14.25 -5.67
N VAL B 52 12.02 -14.34 -4.39
CA VAL B 52 12.38 -13.20 -3.57
C VAL B 52 13.92 -13.24 -3.33
N ARG B 53 14.61 -12.11 -3.59
CA ARG B 53 16.04 -11.96 -3.36
C ARG B 53 16.24 -11.58 -1.87
N ILE B 54 16.45 -12.60 -0.99
CA ILE B 54 16.57 -12.40 0.45
C ILE B 54 17.97 -11.95 0.88
N TRP B 55 18.96 -12.01 -0.03
CA TRP B 55 20.34 -11.57 0.27
C TRP B 55 21.14 -11.42 -1.03
N SER B 56 22.20 -10.61 -1.00
CA SER B 56 23.02 -10.37 -2.19
C SER B 56 24.48 -10.69 -1.94
N SER B 57 25.04 -11.59 -2.76
CA SER B 57 26.44 -12.02 -2.68
C SER B 57 27.41 -10.86 -2.92
N ALA B 58 26.96 -9.82 -3.67
CA ALA B 58 27.74 -8.63 -4.01
C ALA B 58 27.96 -7.72 -2.78
N THR B 59 26.89 -7.31 -2.08
CA THR B 59 26.96 -6.41 -0.92
C THR B 59 27.07 -7.12 0.42
N GLY B 60 26.61 -8.36 0.47
CA GLY B 60 26.52 -9.14 1.69
C GLY B 60 25.27 -8.80 2.51
N ASN B 61 24.42 -7.88 2.01
CA ASN B 61 23.18 -7.45 2.69
C ASN B 61 22.11 -8.53 2.71
N VAL B 62 21.31 -8.59 3.80
CA VAL B 62 20.21 -9.55 3.96
C VAL B 62 18.89 -8.78 4.12
N ALA B 63 17.82 -9.25 3.47
CA ALA B 63 16.53 -8.58 3.56
C ALA B 63 15.86 -8.80 4.92
N SER B 64 15.04 -7.83 5.30
CA SER B 64 14.15 -7.97 6.45
C SER B 64 12.80 -8.21 5.85
N PHE B 65 11.88 -8.84 6.59
CA PHE B 65 10.51 -9.00 6.09
C PHE B 65 9.48 -9.02 7.21
N LEU B 66 8.25 -8.68 6.82
CA LEU B 66 7.06 -8.69 7.66
C LEU B 66 5.99 -9.43 6.90
N THR B 67 5.41 -10.44 7.53
CA THR B 67 4.35 -11.20 6.85
C THR B 67 3.26 -11.59 7.84
N SER B 68 2.02 -11.56 7.37
CA SER B 68 0.86 -11.98 8.17
C SER B 68 0.00 -12.90 7.34
N PHE B 69 -0.55 -13.91 7.99
CA PHE B 69 -1.41 -14.88 7.32
C PHE B 69 -2.40 -15.44 8.29
N SER B 70 -3.50 -15.95 7.76
CA SER B 70 -4.53 -16.58 8.57
C SER B 70 -4.85 -17.94 7.98
N PHE B 71 -5.05 -18.90 8.86
CA PHE B 71 -5.35 -20.26 8.47
C PHE B 71 -6.43 -20.86 9.35
N GLU B 72 -6.86 -22.05 8.95
CA GLU B 72 -7.85 -22.83 9.67
C GLU B 72 -7.57 -24.30 9.47
N MET B 73 -7.61 -25.08 10.56
CA MET B 73 -7.55 -26.52 10.48
C MET B 73 -8.83 -27.08 11.07
N LYS B 74 -9.50 -28.01 10.36
CA LYS B 74 -10.78 -28.56 10.82
C LYS B 74 -10.80 -30.08 10.74
N ASP B 75 -11.26 -30.73 11.83
CA ASP B 75 -11.37 -32.19 11.94
C ASP B 75 -12.36 -32.72 10.94
N ILE B 76 -12.11 -33.94 10.48
CA ILE B 76 -13.03 -34.63 9.58
C ILE B 76 -13.34 -35.95 10.28
N LYS B 77 -14.52 -36.48 10.00
CA LYS B 77 -14.99 -37.74 10.57
C LYS B 77 -14.03 -38.87 10.25
N ASP B 78 -13.79 -39.75 11.26
CA ASP B 78 -13.02 -41.00 11.23
C ASP B 78 -11.51 -40.86 11.23
N TYR B 79 -10.97 -39.85 10.53
CA TYR B 79 -9.52 -39.71 10.46
C TYR B 79 -8.99 -38.91 11.64
N ASP B 80 -7.73 -39.17 11.97
CA ASP B 80 -6.96 -38.46 12.98
C ASP B 80 -6.67 -37.03 12.50
N PRO B 81 -7.02 -35.96 13.26
CA PRO B 81 -6.70 -34.60 12.79
C PRO B 81 -5.19 -34.38 12.71
N ALA B 82 -4.66 -34.53 11.50
CA ALA B 82 -3.22 -34.47 11.22
C ALA B 82 -2.97 -34.07 9.73
N ASP B 83 -1.75 -33.57 9.35
CA ASP B 83 -0.58 -33.41 10.23
C ASP B 83 -0.21 -31.95 10.61
N GLY B 84 -0.76 -30.97 9.93
CA GLY B 84 -0.49 -29.57 10.19
C GLY B 84 -0.01 -28.78 8.98
N ILE B 85 0.26 -27.50 9.21
CA ILE B 85 0.69 -26.53 8.19
C ILE B 85 2.08 -26.00 8.52
N ILE B 86 2.90 -25.74 7.50
CA ILE B 86 4.19 -25.11 7.67
C ILE B 86 4.30 -23.92 6.69
N PHE B 87 4.65 -22.75 7.25
CA PHE B 87 4.96 -21.56 6.49
C PHE B 87 6.44 -21.70 6.21
N PHE B 88 6.84 -21.79 4.96
CA PHE B 88 8.26 -22.07 4.70
C PHE B 88 8.90 -21.21 3.61
N ILE B 89 10.24 -21.23 3.62
CA ILE B 89 11.15 -20.51 2.71
C ILE B 89 12.08 -21.53 2.19
N ALA B 90 12.29 -21.57 0.89
CA ALA B 90 13.12 -22.61 0.30
C ALA B 90 13.78 -22.14 -1.01
N PRO B 91 14.78 -22.86 -1.56
CA PRO B 91 15.37 -22.44 -2.84
C PRO B 91 14.31 -22.29 -3.92
N GLU B 92 14.54 -21.33 -4.86
CA GLU B 92 13.52 -21.06 -5.90
C GLU B 92 13.11 -22.34 -6.71
N ASP B 93 13.97 -23.39 -6.84
CA ASP B 93 13.62 -24.63 -7.57
C ASP B 93 12.82 -25.63 -6.71
N THR B 94 12.36 -25.23 -5.51
CA THR B 94 11.71 -26.13 -4.53
C THR B 94 10.48 -26.85 -5.11
N GLN B 95 10.43 -28.15 -4.85
CA GLN B 95 9.33 -29.04 -5.23
C GLN B 95 9.02 -29.94 -4.05
N ILE B 96 7.81 -30.54 -4.04
CA ILE B 96 7.47 -31.54 -3.01
C ILE B 96 8.55 -32.62 -3.08
N PRO B 97 9.19 -33.03 -1.94
CA PRO B 97 10.23 -34.07 -2.03
C PRO B 97 9.76 -35.32 -2.80
N ALA B 98 10.58 -35.83 -3.71
CA ALA B 98 10.26 -37.01 -4.51
C ALA B 98 10.02 -38.21 -3.59
N GLY B 99 8.90 -38.91 -3.80
CA GLY B 99 8.46 -40.06 -3.02
C GLY B 99 8.01 -39.69 -1.61
N SER B 100 7.54 -38.41 -1.44
CA SER B 100 7.08 -37.87 -0.14
C SER B 100 6.07 -38.79 0.55
N ILE B 101 6.29 -39.05 1.82
CA ILE B 101 5.40 -39.89 2.64
C ILE B 101 4.35 -38.99 3.31
N GLY B 102 4.38 -37.67 3.03
CA GLY B 102 3.48 -36.73 3.69
C GLY B 102 3.62 -36.83 5.21
N GLY B 103 2.50 -36.98 5.91
CA GLY B 103 2.52 -37.19 7.37
C GLY B 103 3.27 -36.11 8.13
N GLY B 104 4.11 -36.55 9.07
CA GLY B 104 4.96 -35.71 9.90
C GLY B 104 6.01 -34.90 9.15
N THR B 105 6.26 -35.23 7.84
CA THR B 105 7.24 -34.51 7.00
C THR B 105 6.73 -33.10 6.63
N LEU B 106 5.40 -32.86 6.76
CA LEU B 106 4.69 -31.61 6.46
C LEU B 106 4.89 -31.17 5.00
N GLY B 107 5.28 -32.11 4.13
CA GLY B 107 5.49 -31.88 2.70
C GLY B 107 6.75 -31.11 2.33
N VAL B 108 7.68 -30.92 3.27
CA VAL B 108 8.92 -30.16 3.01
C VAL B 108 10.18 -31.00 3.22
N SER B 109 10.04 -32.21 3.80
CA SER B 109 11.21 -33.01 4.11
C SER B 109 11.11 -34.47 3.62
N ASP B 110 12.26 -35.17 3.74
CA ASP B 110 12.36 -36.58 3.37
C ASP B 110 11.84 -37.44 4.56
N THR B 111 11.94 -38.76 4.45
CA THR B 111 11.46 -39.68 5.50
C THR B 111 12.20 -39.45 6.82
N LYS B 112 13.51 -39.12 6.78
CA LYS B 112 14.34 -38.87 7.96
C LYS B 112 14.04 -37.50 8.61
N GLY B 113 13.21 -36.68 7.94
CA GLY B 113 12.80 -35.35 8.38
C GLY B 113 13.71 -34.23 7.96
N ALA B 114 14.62 -34.49 7.02
CA ALA B 114 15.58 -33.53 6.50
C ALA B 114 15.13 -32.92 5.16
N GLY B 115 15.54 -31.68 4.95
CA GLY B 115 15.26 -30.92 3.76
C GLY B 115 16.06 -29.64 3.68
N HIS B 116 15.82 -28.86 2.64
CA HIS B 116 16.50 -27.58 2.44
C HIS B 116 15.42 -26.47 2.53
N PHE B 117 15.23 -25.95 3.74
CA PHE B 117 14.16 -24.96 4.00
C PHE B 117 14.28 -24.37 5.38
N VAL B 118 13.59 -23.24 5.59
CA VAL B 118 13.45 -22.60 6.90
C VAL B 118 11.95 -22.45 7.04
N GLY B 119 11.39 -22.84 8.17
CA GLY B 119 9.95 -22.72 8.33
C GLY B 119 9.43 -22.53 9.73
N VAL B 120 8.13 -22.24 9.81
CA VAL B 120 7.36 -22.07 11.04
C VAL B 120 6.20 -23.06 10.91
N GLU B 121 6.21 -24.11 11.73
CA GLU B 121 5.21 -25.16 11.65
C GLU B 121 4.17 -25.02 12.72
N PHE B 122 2.95 -25.40 12.36
CA PHE B 122 1.75 -25.45 13.21
C PHE B 122 1.37 -26.92 13.23
N ASP B 123 2.02 -27.66 14.16
CA ASP B 123 2.03 -29.11 14.20
C ASP B 123 0.89 -29.70 15.09
N THR B 124 0.04 -30.55 14.49
CA THR B 124 -1.12 -31.12 15.21
C THR B 124 -1.03 -32.65 15.51
N TYR B 125 0.15 -33.27 15.30
CA TYR B 125 0.39 -34.71 15.58
C TYR B 125 1.83 -34.91 16.07
N SER B 126 2.01 -35.69 17.18
CA SER B 126 3.32 -35.92 17.79
C SER B 126 4.01 -37.10 17.15
N ASN B 127 4.99 -36.81 16.28
CA ASN B 127 5.82 -37.77 15.56
C ASN B 127 7.08 -38.02 16.37
N SER B 128 7.16 -39.16 17.10
CA SER B 128 8.33 -39.49 17.93
C SER B 128 9.60 -39.56 17.10
N GLU B 129 9.49 -40.00 15.83
CA GLU B 129 10.60 -40.11 14.88
C GLU B 129 11.25 -38.75 14.57
N TYR B 130 10.52 -37.64 14.82
CA TYR B 130 11.06 -36.29 14.59
C TYR B 130 11.22 -35.51 15.91
N ASN B 131 11.21 -36.26 17.05
CA ASN B 131 11.37 -35.73 18.42
C ASN B 131 10.35 -34.61 18.71
N ASP B 132 9.11 -34.78 18.20
CA ASP B 132 8.02 -33.83 18.44
C ASP B 132 7.70 -33.72 19.92
N PRO B 133 7.35 -32.53 20.45
CA PRO B 133 6.89 -32.46 21.85
C PRO B 133 5.56 -33.24 22.00
N PRO B 134 5.08 -33.58 23.22
CA PRO B 134 3.89 -34.46 23.31
C PRO B 134 2.55 -33.82 22.92
N THR B 135 2.44 -32.47 22.86
CA THR B 135 1.19 -31.78 22.49
C THR B 135 1.34 -30.99 21.17
N ASP B 136 0.23 -30.38 20.67
CA ASP B 136 0.27 -29.47 19.51
C ASP B 136 1.29 -28.35 19.82
N HIS B 137 2.01 -27.90 18.79
CA HIS B 137 3.07 -26.93 18.97
C HIS B 137 3.37 -26.12 17.74
N VAL B 138 3.95 -24.95 17.98
CA VAL B 138 4.49 -24.08 16.94
C VAL B 138 5.95 -24.32 17.02
N GLY B 139 6.58 -24.53 15.91
CA GLY B 139 8.01 -24.78 15.90
C GLY B 139 8.72 -23.96 14.86
N ILE B 140 10.00 -23.75 15.08
CA ILE B 140 10.86 -23.06 14.14
C ILE B 140 11.79 -24.15 13.62
N ASP B 141 11.81 -24.31 12.29
CA ASP B 141 12.49 -25.39 11.59
C ASP B 141 13.59 -24.90 10.67
N VAL B 142 14.75 -25.53 10.79
CA VAL B 142 15.91 -25.19 9.98
C VAL B 142 16.43 -26.49 9.37
N ASN B 143 16.09 -26.72 8.09
CA ASN B 143 16.47 -27.88 7.28
C ASN B 143 16.01 -29.21 7.90
N SER B 144 15.02 -29.17 8.81
CA SER B 144 14.51 -30.37 9.48
C SER B 144 13.17 -30.11 10.14
N VAL B 145 12.31 -31.14 10.17
CA VAL B 145 11.03 -31.11 10.89
C VAL B 145 11.29 -31.51 12.37
N ASP B 146 12.56 -31.77 12.73
CA ASP B 146 12.97 -31.92 14.12
C ASP B 146 13.34 -30.49 14.50
N SER B 147 12.33 -29.73 14.94
CA SER B 147 12.43 -28.29 15.20
C SER B 147 13.62 -27.88 16.05
N VAL B 148 14.22 -26.73 15.68
CA VAL B 148 15.31 -26.12 16.46
C VAL B 148 14.71 -25.71 17.81
N LYS B 149 13.45 -25.27 17.79
CA LYS B 149 12.73 -24.81 18.98
C LYS B 149 11.23 -24.95 18.77
N THR B 150 10.49 -25.25 19.85
CA THR B 150 9.04 -25.33 19.81
C THR B 150 8.47 -24.58 21.01
N VAL B 151 7.18 -24.32 20.97
CA VAL B 151 6.42 -23.73 22.05
C VAL B 151 5.06 -24.50 22.10
N PRO B 152 4.55 -24.91 23.29
CA PRO B 152 3.22 -25.55 23.33
C PRO B 152 2.15 -24.62 22.79
N TRP B 153 1.23 -25.20 22.02
CA TRP B 153 0.15 -24.47 21.39
C TRP B 153 -1.06 -25.43 21.36
N ASN B 154 -2.19 -24.98 20.82
CA ASN B 154 -3.39 -25.81 20.73
C ASN B 154 -4.10 -25.51 19.43
N SER B 155 -4.23 -26.52 18.56
CA SER B 155 -4.95 -26.34 17.30
C SER B 155 -6.42 -26.65 17.53
N VAL B 156 -7.26 -25.60 17.50
CA VAL B 156 -8.70 -25.70 17.72
C VAL B 156 -9.40 -25.92 16.37
N SER B 157 -10.13 -27.06 16.24
CA SER B 157 -10.87 -27.40 15.02
C SER B 157 -11.87 -26.31 14.64
N GLY B 158 -11.80 -25.84 13.40
CA GLY B 158 -12.69 -24.81 12.88
C GLY B 158 -12.37 -23.38 13.31
N ALA B 159 -11.28 -23.18 14.07
CA ALA B 159 -10.88 -21.84 14.55
C ALA B 159 -9.99 -21.13 13.52
N VAL B 160 -10.22 -19.84 13.33
CA VAL B 160 -9.39 -19.02 12.44
C VAL B 160 -8.22 -18.52 13.28
N VAL B 161 -7.00 -18.85 12.83
CA VAL B 161 -5.75 -18.49 13.50
C VAL B 161 -5.05 -17.40 12.70
N LYS B 162 -4.56 -16.36 13.39
CA LYS B 162 -3.82 -15.25 12.81
C LYS B 162 -2.36 -15.34 13.24
N VAL B 163 -1.46 -15.18 12.27
CA VAL B 163 -0.02 -15.24 12.51
C VAL B 163 0.66 -13.97 11.95
N THR B 164 1.62 -13.46 12.70
CA THR B 164 2.45 -12.37 12.27
C THR B 164 3.89 -12.81 12.47
N VAL B 165 4.72 -12.60 11.45
CA VAL B 165 6.13 -12.99 11.48
C VAL B 165 7.00 -11.79 11.09
N ILE B 166 8.06 -11.55 11.88
CA ILE B 166 9.05 -10.50 11.61
C ILE B 166 10.41 -11.16 11.49
N TYR B 167 11.10 -10.90 10.37
CA TYR B 167 12.50 -11.30 10.28
C TYR B 167 13.33 -10.03 10.26
N ASP B 168 14.16 -9.85 11.29
CA ASP B 168 15.05 -8.70 11.40
C ASP B 168 16.45 -9.11 10.89
N SER B 169 16.85 -8.64 9.71
CA SER B 169 18.13 -9.08 9.11
C SER B 169 19.37 -8.78 9.98
N SER B 170 19.44 -7.60 10.65
CA SER B 170 20.61 -7.20 11.46
C SER B 170 20.88 -8.19 12.64
N THR B 171 19.86 -8.61 13.37
CA THR B 171 20.02 -9.57 14.48
C THR B 171 19.81 -11.01 14.02
N LYS B 172 19.33 -11.19 12.77
CA LYS B 172 19.00 -12.49 12.16
C LYS B 172 17.86 -13.19 12.98
N THR B 173 17.00 -12.39 13.63
CA THR B 173 15.95 -12.94 14.46
C THR B 173 14.67 -13.13 13.68
N LEU B 174 14.12 -14.36 13.75
CA LEU B 174 12.82 -14.75 13.22
C LEU B 174 11.84 -14.77 14.40
N SER B 175 10.95 -13.77 14.50
CA SER B 175 9.96 -13.65 15.58
C SER B 175 8.57 -13.96 15.04
N VAL B 176 7.79 -14.72 15.81
CA VAL B 176 6.46 -15.23 15.45
C VAL B 176 5.46 -14.96 16.57
N ALA B 177 4.30 -14.40 16.21
CA ALA B 177 3.17 -14.19 17.14
C ALA B 177 1.94 -14.85 16.55
N VAL B 178 1.32 -15.74 17.33
CA VAL B 178 0.14 -16.54 16.94
C VAL B 178 -1.04 -16.16 17.84
N THR B 179 -2.12 -15.68 17.22
CA THR B 179 -3.31 -15.23 17.93
C THR B 179 -4.35 -16.29 17.78
N ASN B 180 -4.54 -17.01 18.91
CA ASN B 180 -5.46 -18.09 19.23
C ASN B 180 -6.91 -17.61 19.29
N ASP B 181 -7.88 -18.54 19.21
CA ASP B 181 -9.32 -18.23 19.22
C ASP B 181 -9.78 -17.74 20.61
N ASN B 182 -9.21 -18.31 21.69
CA ASN B 182 -9.52 -17.96 23.08
C ASN B 182 -8.94 -16.55 23.51
N GLY B 183 -8.31 -15.84 22.57
CA GLY B 183 -7.76 -14.51 22.78
C GLY B 183 -6.31 -14.39 23.19
N ASP B 184 -5.73 -15.48 23.73
CA ASP B 184 -4.32 -15.51 24.14
C ASP B 184 -3.39 -15.41 22.92
N ILE B 185 -2.18 -14.88 23.15
CA ILE B 185 -1.13 -14.84 22.13
C ILE B 185 -0.05 -15.84 22.53
N THR B 186 0.53 -16.51 21.54
CA THR B 186 1.62 -17.45 21.66
C THR B 186 2.76 -16.87 20.84
N THR B 187 3.96 -16.79 21.40
CA THR B 187 5.11 -16.31 20.63
C THR B 187 6.25 -17.33 20.67
N ILE B 188 7.12 -17.22 19.66
CA ILE B 188 8.33 -18.01 19.53
C ILE B 188 9.29 -17.21 18.65
N ALA B 189 10.55 -17.20 19.02
CA ALA B 189 11.58 -16.46 18.30
C ALA B 189 12.87 -17.25 18.32
N GLN B 190 13.64 -17.14 17.24
CA GLN B 190 14.89 -17.86 17.08
C GLN B 190 15.80 -17.13 16.13
N VAL B 191 17.11 -17.06 16.48
CA VAL B 191 18.11 -16.50 15.56
C VAL B 191 18.32 -17.55 14.48
N VAL B 192 18.07 -17.19 13.21
CA VAL B 192 18.24 -18.06 12.02
C VAL B 192 18.95 -17.21 10.98
N ASP B 193 20.18 -17.64 10.58
CA ASP B 193 20.97 -16.92 9.59
C ASP B 193 20.52 -17.36 8.18
N LEU B 194 19.59 -16.62 7.59
CA LEU B 194 19.04 -16.96 6.28
C LEU B 194 20.13 -16.94 5.19
N LYS B 195 21.11 -16.03 5.29
CA LYS B 195 22.25 -15.94 4.35
C LYS B 195 23.12 -17.21 4.39
N ALA B 196 23.20 -17.89 5.55
CA ALA B 196 24.00 -19.11 5.73
C ALA B 196 23.24 -20.39 5.38
N LYS B 197 21.91 -20.36 5.53
CA LYS B 197 21.08 -21.55 5.33
C LYS B 197 20.36 -21.59 3.98
N LEU B 198 20.18 -20.44 3.31
CA LEU B 198 19.41 -20.44 2.07
C LEU B 198 20.16 -19.74 0.90
N PRO B 199 19.85 -20.08 -0.38
CA PRO B 199 20.45 -19.33 -1.48
C PRO B 199 19.92 -17.88 -1.51
N GLU B 200 20.52 -17.05 -2.39
CA GLU B 200 20.15 -15.63 -2.54
C GLU B 200 18.69 -15.43 -2.95
N ARG B 201 18.19 -16.28 -3.88
CA ARG B 201 16.83 -16.23 -4.39
C ARG B 201 16.05 -17.38 -3.80
N VAL B 202 14.91 -17.06 -3.21
CA VAL B 202 14.05 -18.07 -2.56
C VAL B 202 12.59 -17.92 -2.93
N LYS B 203 11.80 -18.91 -2.53
CA LYS B 203 10.36 -18.87 -2.65
C LYS B 203 9.76 -19.04 -1.26
N PHE B 204 8.68 -18.28 -1.02
CA PHE B 204 7.92 -18.34 0.21
C PHE B 204 6.62 -19.03 -0.06
N GLY B 205 6.13 -19.75 0.94
CA GLY B 205 4.87 -20.42 0.77
C GLY B 205 4.39 -21.19 1.97
N PHE B 206 3.37 -22.03 1.73
CA PHE B 206 2.75 -22.90 2.74
C PHE B 206 2.69 -24.32 2.21
N SER B 207 2.83 -25.29 3.12
CA SER B 207 2.71 -26.71 2.81
C SER B 207 1.95 -27.39 3.94
N ALA B 208 1.21 -28.44 3.60
CA ALA B 208 0.48 -29.26 4.59
C ALA B 208 0.45 -30.70 4.08
N SER B 209 0.30 -31.64 4.99
CA SER B 209 0.29 -33.04 4.59
C SER B 209 -0.58 -33.90 5.49
N GLY B 210 -0.87 -35.08 5.02
CA GLY B 210 -1.64 -36.08 5.74
C GLY B 210 -1.02 -37.43 5.54
N SER B 211 -1.62 -38.44 6.15
CA SER B 211 -1.17 -39.82 5.99
C SER B 211 -2.39 -40.70 5.64
N LEU B 212 -2.27 -42.03 5.78
CA LEU B 212 -3.40 -42.93 5.54
C LEU B 212 -4.51 -42.64 6.56
N GLY B 213 -4.14 -42.62 7.84
CA GLY B 213 -5.05 -42.42 8.95
C GLY B 213 -5.17 -41.02 9.52
N GLY B 214 -4.22 -40.14 9.14
CA GLY B 214 -4.16 -38.77 9.63
C GLY B 214 -4.52 -37.79 8.53
N ARG B 215 -5.74 -37.27 8.59
CA ARG B 215 -6.26 -36.33 7.60
C ARG B 215 -7.13 -35.29 8.26
N GLN B 216 -7.04 -34.06 7.77
CA GLN B 216 -7.86 -32.94 8.25
C GLN B 216 -7.92 -31.86 7.17
N ILE B 217 -8.87 -30.93 7.32
CA ILE B 217 -8.96 -29.82 6.40
C ILE B 217 -7.83 -28.84 6.78
N HIS B 218 -6.98 -28.44 5.81
CA HIS B 218 -5.91 -27.44 6.01
C HIS B 218 -6.22 -26.26 5.10
N LEU B 219 -6.64 -25.10 5.66
CA LEU B 219 -7.00 -23.94 4.84
C LEU B 219 -6.09 -22.72 5.05
N ILE B 220 -5.75 -22.04 3.94
CA ILE B 220 -5.04 -20.76 3.95
C ILE B 220 -6.08 -19.74 3.53
N ARG B 221 -6.40 -18.80 4.44
CA ARG B 221 -7.45 -17.82 4.20
C ARG B 221 -6.96 -16.50 3.63
N SER B 222 -5.81 -16.00 4.10
CA SER B 222 -5.27 -14.73 3.66
C SER B 222 -3.76 -14.69 3.87
N TRP B 223 -3.06 -13.80 3.15
CA TRP B 223 -1.61 -13.67 3.23
C TRP B 223 -1.15 -12.33 2.70
N SER B 224 -0.42 -11.56 3.54
CA SER B 224 0.22 -10.30 3.18
C SER B 224 1.69 -10.44 3.46
N PHE B 225 2.54 -9.80 2.67
CA PHE B 225 3.97 -9.91 2.81
C PHE B 225 4.68 -8.66 2.30
N THR B 226 5.75 -8.25 2.98
CA THR B 226 6.63 -7.19 2.54
C THR B 226 8.03 -7.53 2.94
N SER B 227 8.96 -7.54 1.97
CA SER B 227 10.38 -7.73 2.21
C SER B 227 11.13 -6.56 1.60
N THR B 228 12.20 -6.12 2.25
CA THR B 228 13.03 -5.02 1.76
C THR B 228 14.49 -5.38 1.96
N LEU B 229 15.25 -5.33 0.84
CA LEU B 229 16.69 -5.58 0.75
C LEU B 229 17.39 -4.29 0.35
N ILE B 230 18.34 -3.84 1.18
CA ILE B 230 19.11 -2.62 0.95
C ILE B 230 20.10 -2.91 -0.20
N THR B 231 20.07 -2.05 -1.23
CA THR B 231 20.90 -2.17 -2.42
C THR B 231 22.04 -1.14 -2.43
N THR B 232 23.16 -1.48 -3.15
CA THR B 232 24.35 -0.65 -3.33
C THR B 232 24.00 0.68 -4.04
N ALA C 1 -3.78 -18.87 31.79
CA ALA C 1 -2.90 -17.73 31.54
C ALA C 1 -3.64 -16.40 31.67
N GLU C 2 -2.88 -15.33 31.96
CA GLU C 2 -3.39 -13.98 32.15
C GLU C 2 -3.18 -13.15 30.89
N THR C 3 -4.28 -12.76 30.24
CA THR C 3 -4.23 -12.01 28.99
C THR C 3 -4.95 -10.67 29.09
N VAL C 4 -4.28 -9.62 28.56
CA VAL C 4 -4.80 -8.27 28.39
C VAL C 4 -4.93 -8.08 26.88
N SER C 5 -6.13 -7.73 26.42
CA SER C 5 -6.37 -7.50 25.00
C SER C 5 -7.27 -6.28 24.79
N PHE C 6 -6.90 -5.42 23.84
CA PHE C 6 -7.72 -4.25 23.51
C PHE C 6 -7.49 -3.83 22.06
N ASN C 7 -8.41 -3.02 21.53
CA ASN C 7 -8.32 -2.53 20.16
C ASN C 7 -9.02 -1.18 20.07
N PHE C 8 -8.29 -0.17 19.60
CA PHE C 8 -8.74 1.19 19.35
C PHE C 8 -8.66 1.53 17.88
N ASN C 9 -9.80 1.70 17.24
CA ASN C 9 -9.89 2.13 15.84
C ASN C 9 -9.97 3.66 15.82
N SER C 10 -10.37 4.21 16.97
CA SER C 10 -10.53 5.62 17.31
C SER C 10 -10.37 5.83 18.81
N PHE C 11 -10.19 7.08 19.24
CA PHE C 11 -10.04 7.43 20.65
C PHE C 11 -10.92 8.60 21.02
N SER C 12 -11.21 8.75 22.31
CA SER C 12 -11.92 9.91 22.81
C SER C 12 -11.41 10.26 24.17
N GLU C 13 -11.37 11.56 24.44
CA GLU C 13 -10.94 12.20 25.67
C GLU C 13 -11.90 11.92 26.83
N GLY C 14 -13.12 11.52 26.48
CA GLY C 14 -14.17 11.22 27.44
C GLY C 14 -14.25 9.77 27.84
N ASN C 15 -13.28 8.96 27.39
CA ASN C 15 -13.20 7.53 27.68
C ASN C 15 -12.19 7.27 28.81
N PRO C 16 -12.57 6.44 29.82
CA PRO C 16 -11.66 6.18 30.94
C PRO C 16 -10.52 5.21 30.63
N ALA C 17 -10.56 4.49 29.48
CA ALA C 17 -9.56 3.50 29.09
C ALA C 17 -8.20 4.09 28.82
N ILE C 18 -8.11 5.39 28.54
CA ILE C 18 -6.85 6.06 28.27
C ILE C 18 -6.60 7.22 29.28
N ASN C 19 -5.33 7.39 29.68
CA ASN C 19 -4.86 8.51 30.49
C ASN C 19 -4.24 9.52 29.57
N PHE C 20 -4.64 10.79 29.69
CA PHE C 20 -4.09 11.87 28.88
C PHE C 20 -3.18 12.73 29.74
N GLN C 21 -1.94 12.96 29.27
CA GLN C 21 -0.95 13.73 29.99
C GLN C 21 -0.46 14.88 29.16
N GLY C 22 -0.31 16.03 29.79
CA GLY C 22 0.20 17.23 29.13
C GLY C 22 -0.71 17.83 28.07
N ASP C 23 -0.12 18.18 26.92
CA ASP C 23 -0.74 18.88 25.80
C ASP C 23 -1.52 17.98 24.81
N VAL C 24 -1.90 16.74 25.19
CA VAL C 24 -2.65 15.85 24.27
C VAL C 24 -4.08 16.29 24.09
N THR C 25 -4.54 16.26 22.84
CA THR C 25 -5.92 16.52 22.48
C THR C 25 -6.42 15.39 21.59
N VAL C 26 -7.74 15.20 21.57
CA VAL C 26 -8.40 14.24 20.69
C VAL C 26 -9.11 15.07 19.62
N LEU C 27 -8.87 14.75 18.35
CA LEU C 27 -9.52 15.48 17.26
C LEU C 27 -10.90 14.86 17.01
N SER C 28 -11.84 15.66 16.45
CA SER C 28 -13.19 15.18 16.12
C SER C 28 -13.15 13.97 15.18
N ASN C 29 -12.07 13.86 14.36
CA ASN C 29 -11.84 12.75 13.43
C ASN C 29 -11.42 11.45 14.16
N GLY C 30 -11.20 11.56 15.49
CA GLY C 30 -10.85 10.45 16.38
C GLY C 30 -9.37 10.25 16.67
N ASN C 31 -8.49 10.98 16.00
CA ASN C 31 -7.03 10.90 16.18
C ASN C 31 -6.56 11.55 17.46
N ILE C 32 -5.45 11.04 18.02
CA ILE C 32 -4.80 11.64 19.17
C ILE C 32 -3.71 12.53 18.63
N GLN C 33 -3.71 13.82 19.05
CA GLN C 33 -2.67 14.80 18.69
C GLN C 33 -1.88 15.02 19.96
N LEU C 34 -0.62 14.57 19.98
CA LEU C 34 0.19 14.62 21.17
C LEU C 34 0.75 16.03 21.52
N THR C 35 1.25 16.81 20.55
CA THR C 35 1.83 18.12 20.90
C THR C 35 0.97 19.34 20.48
N ASN C 36 1.16 20.47 21.18
CA ASN C 36 0.50 21.75 20.92
C ASN C 36 1.44 22.59 20.06
N LEU C 37 1.01 22.86 18.81
CA LEU C 37 1.76 23.58 17.79
C LEU C 37 2.10 25.05 18.16
N ASN C 38 1.38 25.65 19.12
CA ASN C 38 1.59 27.04 19.52
C ASN C 38 2.37 27.19 20.86
N LYS C 39 2.83 26.09 21.46
CA LYS C 39 3.52 26.08 22.75
C LYS C 39 5.00 25.73 22.63
N VAL C 40 5.87 26.41 23.42
CA VAL C 40 7.32 26.16 23.47
C VAL C 40 7.54 24.88 24.31
N ASN C 41 8.48 24.00 23.89
CA ASN C 41 8.81 22.74 24.58
C ASN C 41 7.54 21.91 24.89
N SER C 42 6.61 21.81 23.92
CA SER C 42 5.36 21.07 24.08
C SER C 42 5.59 19.57 24.29
N VAL C 43 4.92 18.99 25.31
CA VAL C 43 4.99 17.56 25.62
C VAL C 43 3.57 17.06 25.87
N GLY C 44 3.24 15.97 25.20
CA GLY C 44 1.96 15.29 25.35
C GLY C 44 2.15 13.80 25.31
N ARG C 45 1.44 13.07 26.20
CA ARG C 45 1.52 11.62 26.30
C ARG C 45 0.17 10.97 26.51
N VAL C 46 0.05 9.73 26.05
CA VAL C 46 -1.17 8.94 26.34
C VAL C 46 -0.75 7.57 26.88
N LEU C 47 -1.59 7.01 27.74
CA LEU C 47 -1.33 5.70 28.36
C LEU C 47 -2.58 4.88 28.40
N TYR C 48 -2.46 3.55 28.21
CA TYR C 48 -3.59 2.66 28.43
C TYR C 48 -3.78 2.71 29.95
N ALA C 49 -4.98 3.12 30.43
CA ALA C 49 -5.22 3.42 31.85
C ALA C 49 -5.06 2.21 32.78
N MET C 50 -5.29 0.99 32.30
CA MET C 50 -5.14 -0.17 33.16
C MET C 50 -3.68 -0.64 33.20
N PRO C 51 -3.07 -0.78 34.40
CA PRO C 51 -1.70 -1.34 34.45
C PRO C 51 -1.72 -2.80 33.96
N VAL C 52 -0.71 -3.18 33.18
CA VAL C 52 -0.59 -4.54 32.66
C VAL C 52 0.56 -5.24 33.41
N ARG C 53 0.28 -6.44 33.95
CA ARG C 53 1.27 -7.25 34.67
C ARG C 53 2.14 -7.97 33.64
N ILE C 54 3.36 -7.47 33.43
CA ILE C 54 4.30 -8.04 32.43
C ILE C 54 5.20 -9.11 33.02
N TRP C 55 5.34 -9.18 34.36
CA TRP C 55 6.14 -10.24 34.96
C TRP C 55 5.67 -10.51 36.37
N SER C 56 6.09 -11.66 36.90
CA SER C 56 5.67 -12.13 38.21
C SER C 56 6.82 -12.37 39.17
N SER C 57 6.74 -11.75 40.36
CA SER C 57 7.74 -11.99 41.42
C SER C 57 7.51 -13.39 42.09
N ALA C 58 6.31 -13.97 41.87
CA ALA C 58 5.98 -15.30 42.41
C ALA C 58 6.59 -16.42 41.55
N THR C 59 6.34 -16.39 40.24
CA THR C 59 6.78 -17.46 39.31
C THR C 59 8.07 -17.11 38.55
N GLY C 60 8.34 -15.82 38.37
CA GLY C 60 9.46 -15.34 37.56
C GLY C 60 9.14 -15.30 36.07
N ASN C 61 7.89 -15.64 35.73
CA ASN C 61 7.42 -15.66 34.34
C ASN C 61 7.28 -14.24 33.81
N VAL C 62 7.58 -14.07 32.52
CA VAL C 62 7.50 -12.79 31.81
C VAL C 62 6.50 -12.94 30.66
N ALA C 63 5.62 -11.96 30.47
CA ALA C 63 4.63 -12.00 29.43
C ALA C 63 5.24 -11.82 28.06
N SER C 64 4.58 -12.38 27.04
CA SER C 64 4.88 -12.06 25.65
C SER C 64 3.80 -11.09 25.22
N PHE C 65 4.04 -10.28 24.17
CA PHE C 65 3.01 -9.39 23.67
C PHE C 65 3.17 -9.14 22.19
N LEU C 66 2.03 -8.80 21.56
CA LEU C 66 1.90 -8.41 20.16
C LEU C 66 1.13 -7.11 20.15
N THR C 67 1.67 -6.09 19.49
CA THR C 67 0.97 -4.82 19.43
C THR C 67 1.18 -4.17 18.07
N SER C 68 0.15 -3.53 17.56
CA SER C 68 0.19 -2.81 16.30
C SER C 68 -0.43 -1.46 16.49
N PHE C 69 0.15 -0.45 15.84
CA PHE C 69 -0.37 0.90 15.91
C PHE C 69 -0.05 1.63 14.63
N SER C 70 -0.80 2.69 14.38
CA SER C 70 -0.59 3.52 13.21
C SER C 70 -0.50 4.97 13.64
N PHE C 71 0.43 5.70 13.07
CA PHE C 71 0.64 7.12 13.38
C PHE C 71 0.88 7.95 12.11
N GLU C 72 0.93 9.27 12.30
CA GLU C 72 1.22 10.24 11.26
C GLU C 72 1.99 11.44 11.84
N MET C 73 3.02 11.87 11.15
CA MET C 73 3.75 13.10 11.49
C MET C 73 3.65 14.01 10.28
N LYS C 74 3.26 15.28 10.49
CA LYS C 74 3.09 16.24 9.41
C LYS C 74 3.80 17.55 9.71
N ASP C 75 4.55 18.06 8.70
CA ASP C 75 5.27 19.33 8.79
C ASP C 75 4.32 20.48 8.93
N ILE C 76 4.76 21.50 9.63
CA ILE C 76 4.05 22.76 9.76
C ILE C 76 5.02 23.83 9.29
N LYS C 77 4.47 24.88 8.71
CA LYS C 77 5.21 25.99 8.13
C LYS C 77 6.00 26.74 9.19
N ASP C 78 7.27 27.08 8.84
CA ASP C 78 8.23 27.90 9.59
C ASP C 78 8.89 27.17 10.78
N TYR C 79 8.48 25.94 11.09
CA TYR C 79 9.06 25.18 12.19
C TYR C 79 9.76 23.94 11.69
N ASP C 80 10.87 23.59 12.36
CA ASP C 80 11.62 22.38 12.07
C ASP C 80 10.74 21.17 12.36
N PRO C 81 10.56 20.20 11.43
CA PRO C 81 9.70 19.04 11.76
C PRO C 81 10.41 18.20 12.83
N ALA C 82 10.00 18.41 14.09
CA ALA C 82 10.61 17.79 15.26
C ALA C 82 9.57 17.68 16.41
N ASP C 83 9.76 16.76 17.39
CA ASP C 83 10.94 15.91 17.57
C ASP C 83 10.76 14.44 17.28
N GLY C 84 9.54 13.96 17.33
CA GLY C 84 9.20 12.56 17.09
C GLY C 84 8.27 11.99 18.13
N ILE C 85 7.85 10.73 17.89
CA ILE C 85 6.96 9.94 18.75
C ILE C 85 7.75 8.78 19.37
N ILE C 86 7.41 8.41 20.61
CA ILE C 86 7.99 7.24 21.27
C ILE C 86 6.84 6.36 21.80
N PHE C 87 6.86 5.08 21.45
CA PHE C 87 5.94 4.07 21.97
C PHE C 87 6.66 3.58 23.20
N PHE C 88 6.11 3.76 24.41
CA PHE C 88 6.88 3.40 25.59
C PHE C 88 6.12 2.58 26.63
N ILE C 89 6.92 1.95 27.50
CA ILE C 89 6.56 1.07 28.62
C ILE C 89 7.20 1.67 29.88
N ALA C 90 6.45 1.86 30.91
CA ALA C 90 7.01 2.54 32.09
C ALA C 90 6.29 2.14 33.38
N PRO C 91 6.82 2.48 34.59
CA PRO C 91 6.09 2.15 35.84
C PRO C 91 4.67 2.73 35.84
N GLU C 92 3.73 2.12 36.58
CA GLU C 92 2.33 2.54 36.56
C GLU C 92 2.11 4.00 37.01
N ASP C 93 3.04 4.58 37.81
CA ASP C 93 2.96 5.97 38.29
C ASP C 93 3.65 6.97 37.32
N THR C 94 3.95 6.56 36.09
CA THR C 94 4.69 7.40 35.14
C THR C 94 3.97 8.74 34.83
N GLN C 95 4.76 9.84 34.88
CA GLN C 95 4.32 11.20 34.57
C GLN C 95 5.36 11.87 33.70
N ILE C 96 4.97 12.94 32.97
CA ILE C 96 5.91 13.74 32.17
C ILE C 96 7.01 14.22 33.14
N PRO C 97 8.33 14.04 32.83
CA PRO C 97 9.37 14.51 33.76
C PRO C 97 9.17 15.98 34.18
N ALA C 98 9.30 16.26 35.49
CA ALA C 98 9.13 17.60 36.04
C ALA C 98 10.14 18.57 35.40
N GLY C 99 9.62 19.71 34.91
CA GLY C 99 10.39 20.75 34.23
C GLY C 99 10.93 20.30 32.87
N SER C 100 10.17 19.41 32.20
CA SER C 100 10.53 18.84 30.89
C SER C 100 10.86 19.92 29.86
N ILE C 101 11.99 19.76 29.19
CA ILE C 101 12.46 20.68 28.15
C ILE C 101 11.89 20.23 26.77
N GLY C 102 11.08 19.16 26.77
CA GLY C 102 10.54 18.59 25.54
C GLY C 102 11.68 18.23 24.60
N GLY C 103 11.57 18.68 23.36
CA GLY C 103 12.63 18.47 22.37
C GLY C 103 13.07 17.03 22.22
N GLY C 104 14.38 16.83 22.30
CA GLY C 104 15.03 15.53 22.14
C GLY C 104 14.73 14.51 23.22
N THR C 105 14.13 14.94 24.34
CA THR C 105 13.77 14.06 25.46
C THR C 105 12.58 13.19 25.10
N LEU C 106 11.83 13.59 24.04
CA LEU C 106 10.62 12.91 23.54
C LEU C 106 9.54 12.78 24.65
N GLY C 107 9.63 13.62 25.67
CA GLY C 107 8.69 13.65 26.79
C GLY C 107 8.79 12.51 27.81
N VAL C 108 9.87 11.71 27.74
CA VAL C 108 10.04 10.56 28.62
C VAL C 108 11.32 10.66 29.47
N SER C 109 12.20 11.63 29.19
CA SER C 109 13.46 11.71 29.89
C SER C 109 13.80 13.11 30.43
N ASP C 110 14.87 13.19 31.24
CA ASP C 110 15.37 14.44 31.80
C ASP C 110 16.27 15.11 30.74
N THR C 111 16.89 16.26 31.09
CA THR C 111 17.77 17.02 30.20
C THR C 111 18.97 16.18 29.75
N LYS C 112 19.51 15.31 30.63
CA LYS C 112 20.64 14.43 30.31
C LYS C 112 20.23 13.23 29.42
N GLY C 113 18.93 13.07 29.18
CA GLY C 113 18.36 12.00 28.35
C GLY C 113 18.03 10.71 29.08
N ALA C 114 18.06 10.75 30.42
CA ALA C 114 17.80 9.60 31.27
C ALA C 114 16.36 9.58 31.82
N GLY C 115 15.82 8.39 31.97
CA GLY C 115 14.48 8.15 32.51
C GLY C 115 14.26 6.70 32.87
N HIS C 116 13.04 6.37 33.32
CA HIS C 116 12.66 5.02 33.68
C HIS C 116 11.59 4.55 32.69
N PHE C 117 12.04 3.90 31.59
CA PHE C 117 11.15 3.44 30.53
C PHE C 117 11.87 2.55 29.53
N VAL C 118 11.10 1.80 28.76
CA VAL C 118 11.58 1.01 27.63
C VAL C 118 10.73 1.51 26.47
N GLY C 119 11.36 1.88 25.35
CA GLY C 119 10.55 2.41 24.24
C GLY C 119 11.12 2.17 22.86
N VAL C 120 10.28 2.45 21.86
CA VAL C 120 10.57 2.40 20.42
C VAL C 120 10.32 3.81 19.91
N GLU C 121 11.41 4.55 19.60
CA GLU C 121 11.29 5.94 19.18
C GLU C 121 11.31 6.06 17.64
N PHE C 122 10.50 7.01 17.12
CA PHE C 122 10.38 7.39 15.69
C PHE C 122 10.89 8.82 15.68
N ASP C 123 12.22 8.96 15.70
CA ASP C 123 12.91 10.23 15.90
C ASP C 123 13.22 10.92 14.60
N THR C 124 12.77 12.19 14.52
CA THR C 124 12.86 13.03 13.31
C THR C 124 13.84 14.23 13.45
N TYR C 125 14.70 14.24 14.48
CA TYR C 125 15.72 15.28 14.69
C TYR C 125 17.00 14.67 15.26
N SER C 126 18.16 15.12 14.78
CA SER C 126 19.44 14.61 15.27
C SER C 126 19.97 15.47 16.41
N ASN C 127 19.84 14.96 17.64
CA ASN C 127 20.35 15.59 18.86
C ASN C 127 21.73 15.02 19.15
N SER C 128 22.78 15.81 18.92
CA SER C 128 24.17 15.41 19.18
C SER C 128 24.37 15.08 20.67
N GLU C 129 23.63 15.80 21.57
CA GLU C 129 23.68 15.62 23.03
C GLU C 129 23.20 14.22 23.45
N TYR C 130 22.41 13.53 22.59
CA TYR C 130 21.92 12.17 22.88
C TYR C 130 22.52 11.13 21.93
N ASN C 131 23.64 11.50 21.24
CA ASN C 131 24.39 10.68 20.28
C ASN C 131 23.48 10.11 19.17
N ASP C 132 22.51 10.93 18.71
CA ASP C 132 21.59 10.54 17.64
C ASP C 132 22.32 10.28 16.33
N PRO C 133 21.86 9.32 15.50
CA PRO C 133 22.49 9.17 14.18
C PRO C 133 22.18 10.40 13.29
N PRO C 134 22.91 10.64 12.16
CA PRO C 134 22.68 11.90 11.41
C PRO C 134 21.32 12.07 10.70
N THR C 135 20.58 10.97 10.43
CA THR C 135 19.28 11.04 9.74
C THR C 135 18.12 10.60 10.65
N ASP C 136 16.85 10.67 10.14
CA ASP C 136 15.67 10.15 10.83
C ASP C 136 15.91 8.68 11.14
N HIS C 137 15.42 8.20 12.29
CA HIS C 137 15.69 6.83 12.69
C HIS C 137 14.65 6.26 13.64
N VAL C 138 14.57 4.93 13.66
CA VAL C 138 13.77 4.18 14.62
C VAL C 138 14.81 3.67 15.62
N GLY C 139 14.53 3.83 16.91
CA GLY C 139 15.49 3.37 17.92
C GLY C 139 14.80 2.61 19.04
N ILE C 140 15.54 1.69 19.68
CA ILE C 140 15.10 0.89 20.84
C ILE C 140 15.83 1.51 22.04
N ASP C 141 15.05 2.05 22.97
CA ASP C 141 15.48 2.82 24.13
C ASP C 141 15.25 2.08 25.43
N VAL C 142 16.30 2.06 26.27
CA VAL C 142 16.25 1.43 27.58
C VAL C 142 16.76 2.47 28.59
N ASN C 143 15.81 3.12 29.28
CA ASN C 143 16.04 4.14 30.31
C ASN C 143 16.85 5.36 29.80
N SER C 144 16.87 5.57 28.48
CA SER C 144 17.61 6.66 27.87
C SER C 144 17.16 6.92 26.45
N VAL C 145 17.21 8.20 26.02
CA VAL C 145 16.95 8.59 24.64
C VAL C 145 18.27 8.48 23.83
N ASP C 146 19.36 8.04 24.49
CA ASP C 146 20.59 7.66 23.82
C ASP C 146 20.36 6.19 23.55
N SER C 147 19.70 5.89 22.41
CA SER C 147 19.24 4.56 22.03
C SER C 147 20.30 3.48 22.15
N VAL C 148 19.85 2.30 22.61
CA VAL C 148 20.68 1.09 22.70
C VAL C 148 21.07 0.73 21.25
N LYS C 149 20.12 0.95 20.32
CA LYS C 149 20.27 0.64 18.91
C LYS C 149 19.32 1.49 18.07
N THR C 150 19.76 1.85 16.85
CA THR C 150 18.93 2.59 15.89
C THR C 150 19.06 1.95 14.53
N VAL C 151 18.15 2.33 13.64
CA VAL C 151 18.16 1.90 12.23
C VAL C 151 17.75 3.15 11.39
N PRO C 152 18.45 3.45 10.25
CA PRO C 152 18.02 4.60 9.43
C PRO C 152 16.58 4.42 8.94
N TRP C 153 15.82 5.49 8.97
CA TRP C 153 14.42 5.51 8.59
C TRP C 153 14.17 6.87 7.94
N ASN C 154 12.95 7.13 7.48
CA ASN C 154 12.60 8.40 6.87
C ASN C 154 11.17 8.75 7.25
N SER C 155 10.98 9.89 7.94
CA SER C 155 9.65 10.33 8.33
C SER C 155 9.07 11.19 7.21
N VAL C 156 8.06 10.65 6.52
CA VAL C 156 7.39 11.32 5.38
C VAL C 156 6.19 12.12 5.91
N SER C 157 6.22 13.44 5.69
CA SER C 157 5.16 14.36 6.10
C SER C 157 3.80 13.98 5.51
N GLY C 158 2.81 13.82 6.39
CA GLY C 158 1.44 13.46 6.04
C GLY C 158 1.19 12.00 5.69
N ALA C 159 2.23 11.15 5.82
CA ALA C 159 2.11 9.72 5.51
C ALA C 159 1.65 8.93 6.74
N VAL C 160 0.72 7.97 6.53
CA VAL C 160 0.27 7.09 7.59
C VAL C 160 1.30 5.93 7.68
N VAL C 161 1.88 5.76 8.87
CA VAL C 161 2.89 4.72 9.16
C VAL C 161 2.23 3.61 10.02
N LYS C 162 2.49 2.34 9.68
CA LYS C 162 2.03 1.16 10.39
C LYS C 162 3.20 0.48 11.08
N VAL C 163 3.00 0.13 12.34
CA VAL C 163 4.03 -0.51 13.17
C VAL C 163 3.47 -1.79 13.80
N THR C 164 4.31 -2.83 13.82
CA THR C 164 4.00 -4.08 14.47
C THR C 164 5.17 -4.35 15.39
N VAL C 165 4.88 -4.73 16.63
CA VAL C 165 5.89 -5.02 17.63
C VAL C 165 5.60 -6.40 18.26
N ILE C 166 6.62 -7.24 18.33
CA ILE C 166 6.52 -8.54 18.99
C ILE C 166 7.53 -8.58 20.13
N TYR C 167 7.08 -8.84 21.35
CA TYR C 167 8.00 -9.13 22.44
C TYR C 167 7.90 -10.61 22.78
N ASP C 168 8.97 -11.35 22.56
CA ASP C 168 9.04 -12.78 22.87
C ASP C 168 9.71 -12.98 24.22
N SER C 169 8.94 -13.36 25.26
CA SER C 169 9.51 -13.43 26.61
C SER C 169 10.68 -14.43 26.78
N SER C 170 10.63 -15.62 26.10
CA SER C 170 11.69 -16.65 26.22
C SER C 170 13.08 -16.14 25.74
N THR C 171 13.12 -15.46 24.57
CA THR C 171 14.39 -14.91 24.06
C THR C 171 14.62 -13.46 24.56
N LYS C 172 13.62 -12.87 25.22
CA LYS C 172 13.61 -11.47 25.70
C LYS C 172 13.82 -10.48 24.50
N THR C 173 13.40 -10.91 23.28
CA THR C 173 13.59 -10.11 22.08
C THR C 173 12.39 -9.19 21.82
N LEU C 174 12.68 -7.92 21.62
CA LEU C 174 11.72 -6.88 21.22
C LEU C 174 11.97 -6.65 19.73
N SER C 175 11.06 -7.14 18.87
CA SER C 175 11.17 -7.00 17.41
C SER C 175 10.15 -5.97 16.93
N VAL C 176 10.59 -5.07 16.04
CA VAL C 176 9.80 -3.96 15.48
C VAL C 176 9.83 -4.00 13.94
N ALA C 177 8.64 -3.93 13.29
CA ALA C 177 8.52 -3.80 11.83
C ALA C 177 7.69 -2.55 11.53
N VAL C 178 8.26 -1.65 10.73
CA VAL C 178 7.68 -0.35 10.36
C VAL C 178 7.42 -0.34 8.85
N THR C 179 6.14 -0.15 8.46
CA THR C 179 5.74 -0.12 7.06
C THR C 179 5.52 1.31 6.63
N ASN C 180 6.41 1.75 5.71
CA ASN C 180 6.48 3.07 5.12
C ASN C 180 5.52 3.25 3.94
N ASP C 181 5.36 4.52 3.52
CA ASP C 181 4.47 4.93 2.45
C ASP C 181 5.07 4.53 1.08
N ASN C 182 6.41 4.59 0.93
CA ASN C 182 7.11 4.19 -0.31
C ASN C 182 7.14 2.63 -0.52
N GLY C 183 6.48 1.90 0.38
CA GLY C 183 6.33 0.45 0.34
C GLY C 183 7.34 -0.37 1.11
N ASP C 184 8.53 0.18 1.36
CA ASP C 184 9.60 -0.50 2.08
C ASP C 184 9.23 -0.77 3.54
N ILE C 185 9.81 -1.85 4.08
CA ILE C 185 9.71 -2.20 5.49
C ILE C 185 11.05 -1.93 6.14
N THR C 186 11.00 -1.41 7.38
CA THR C 186 12.16 -1.15 8.22
C THR C 186 12.00 -2.01 9.46
N THR C 187 13.03 -2.76 9.83
CA THR C 187 12.97 -3.57 11.06
C THR C 187 14.11 -3.22 11.99
N ILE C 188 13.88 -3.45 13.28
CA ILE C 188 14.87 -3.29 14.33
C ILE C 188 14.47 -4.24 15.46
N ALA C 189 15.45 -4.96 16.01
CA ALA C 189 15.22 -5.88 17.10
C ALA C 189 16.35 -5.79 18.11
N GLN C 190 16.03 -5.98 19.39
CA GLN C 190 16.98 -5.88 20.50
C GLN C 190 16.53 -6.74 21.66
N VAL C 191 17.49 -7.45 22.29
CA VAL C 191 17.21 -8.21 23.51
C VAL C 191 17.10 -7.19 24.64
N VAL C 192 15.94 -7.15 25.30
CA VAL C 192 15.63 -6.25 26.41
C VAL C 192 14.96 -7.10 27.50
N ASP C 193 15.60 -7.19 28.68
CA ASP C 193 15.07 -7.95 29.81
C ASP C 193 14.10 -7.07 30.61
N LEU C 194 12.80 -7.25 30.38
CA LEU C 194 11.77 -6.40 31.00
C LEU C 194 11.65 -6.59 32.47
N LYS C 195 11.93 -7.80 32.95
CA LYS C 195 11.92 -8.08 34.36
C LYS C 195 13.06 -7.29 35.04
N ALA C 196 14.21 -7.18 34.37
CA ALA C 196 15.34 -6.49 35.00
C ALA C 196 15.18 -4.96 34.96
N LYS C 197 14.51 -4.45 33.92
CA LYS C 197 14.42 -3.00 33.70
C LYS C 197 13.13 -2.35 34.15
N LEU C 198 12.08 -3.14 34.23
CA LEU C 198 10.79 -2.58 34.58
C LEU C 198 10.14 -3.29 35.78
N PRO C 199 9.18 -2.62 36.48
CA PRO C 199 8.46 -3.31 37.56
C PRO C 199 7.47 -4.35 37.00
N GLU C 200 6.90 -5.18 37.90
CA GLU C 200 5.91 -6.22 37.53
C GLU C 200 4.71 -5.61 36.76
N ARG C 201 4.21 -4.47 37.24
CA ARG C 201 3.07 -3.74 36.64
C ARG C 201 3.56 -2.49 35.94
N VAL C 202 3.16 -2.36 34.67
CA VAL C 202 3.59 -1.26 33.84
C VAL C 202 2.41 -0.64 33.09
N LYS C 203 2.66 0.55 32.54
CA LYS C 203 1.71 1.21 31.64
C LYS C 203 2.35 1.34 30.28
N PHE C 204 1.56 1.10 29.24
CA PHE C 204 1.96 1.23 27.85
C PHE C 204 1.36 2.51 27.28
N GLY C 205 2.08 3.15 26.39
CA GLY C 205 1.60 4.38 25.75
C GLY C 205 2.48 5.00 24.69
N PHE C 206 2.13 6.26 24.38
CA PHE C 206 2.83 7.09 23.39
C PHE C 206 3.13 8.47 23.95
N SER C 207 4.27 9.03 23.57
CA SER C 207 4.71 10.38 23.95
C SER C 207 5.34 11.08 22.75
N ALA C 208 5.23 12.40 22.68
CA ALA C 208 5.84 13.23 21.64
C ALA C 208 6.16 14.59 22.22
N SER C 209 7.14 15.27 21.63
CA SER C 209 7.55 16.58 22.13
C SER C 209 8.07 17.48 21.02
N GLY C 210 8.08 18.78 21.32
CA GLY C 210 8.59 19.83 20.45
C GLY C 210 9.50 20.75 21.24
N SER C 211 10.04 21.76 20.58
CA SER C 211 10.91 22.76 21.21
C SER C 211 10.43 24.16 20.79
N LEU C 212 11.28 25.20 20.95
CA LEU C 212 10.91 26.55 20.50
C LEU C 212 10.73 26.53 18.97
N GLY C 213 11.81 26.19 18.27
CA GLY C 213 11.88 26.15 16.81
C GLY C 213 11.74 24.79 16.15
N GLY C 214 11.33 23.77 16.92
CA GLY C 214 11.13 22.42 16.42
C GLY C 214 9.74 21.91 16.75
N ARG C 215 8.80 22.01 15.80
CA ARG C 215 7.41 21.63 16.03
C ARG C 215 6.84 20.96 14.80
N GLN C 216 5.94 19.98 15.02
CA GLN C 216 5.26 19.27 13.94
C GLN C 216 4.00 18.62 14.48
N ILE C 217 3.08 18.22 13.59
CA ILE C 217 1.87 17.51 13.98
C ILE C 217 2.27 16.05 14.31
N HIS C 218 1.96 15.55 15.54
CA HIS C 218 2.23 14.16 15.96
C HIS C 218 0.88 13.48 16.23
N LEU C 219 0.46 12.54 15.38
CA LEU C 219 -0.85 11.87 15.52
C LEU C 219 -0.79 10.36 15.76
N ILE C 220 -1.67 9.84 16.63
CA ILE C 220 -1.86 8.41 16.88
C ILE C 220 -3.22 8.09 16.33
N ARG C 221 -3.28 7.21 15.34
CA ARG C 221 -4.54 6.90 14.65
C ARG C 221 -5.26 5.67 15.19
N SER C 222 -4.50 4.60 15.52
CA SER C 222 -5.10 3.35 15.98
C SER C 222 -4.10 2.55 16.80
N TRP C 223 -4.60 1.63 17.63
CA TRP C 223 -3.75 0.81 18.49
C TRP C 223 -4.45 -0.47 18.94
N SER C 224 -3.82 -1.62 18.69
CA SER C 224 -4.30 -2.93 19.14
C SER C 224 -3.19 -3.56 19.95
N PHE C 225 -3.56 -4.36 20.94
CA PHE C 225 -2.56 -4.95 21.83
C PHE C 225 -3.07 -6.22 22.43
N THR C 226 -2.18 -7.22 22.56
CA THR C 226 -2.45 -8.47 23.28
C THR C 226 -1.21 -8.90 24.01
N SER C 227 -1.31 -9.11 25.31
CA SER C 227 -0.23 -9.66 26.15
C SER C 227 -0.75 -10.90 26.82
N THR C 228 0.12 -11.90 26.99
CA THR C 228 -0.23 -13.13 27.70
C THR C 228 0.92 -13.51 28.62
N LEU C 229 0.61 -13.63 29.90
CA LEU C 229 1.51 -14.09 30.96
C LEU C 229 1.07 -15.48 31.48
N ILE C 230 1.99 -16.47 31.44
CA ILE C 230 1.74 -17.82 31.95
C ILE C 230 1.71 -17.73 33.48
N THR C 231 0.60 -18.23 34.08
CA THR C 231 0.37 -18.20 35.53
C THR C 231 0.60 -19.58 36.18
N THR C 232 0.94 -20.63 35.41
CA THR C 232 1.26 -21.94 35.99
C THR C 232 2.80 -22.12 36.08
N ALA D 1 -0.13 27.28 -24.29
CA ALA D 1 -1.35 26.77 -23.65
C ALA D 1 -1.56 27.40 -22.28
N GLU D 2 -2.83 27.39 -21.81
CA GLU D 2 -3.26 27.96 -20.53
C GLU D 2 -3.41 26.85 -19.49
N THR D 3 -2.54 26.88 -18.49
CA THR D 3 -2.51 25.86 -17.45
C THR D 3 -2.74 26.43 -16.05
N VAL D 4 -3.61 25.74 -15.28
CA VAL D 4 -3.88 25.97 -13.85
C VAL D 4 -3.30 24.78 -13.11
N SER D 5 -2.39 25.04 -12.16
CA SER D 5 -1.75 23.98 -11.42
C SER D 5 -1.62 24.34 -9.94
N PHE D 6 -1.93 23.40 -9.06
CA PHE D 6 -1.78 23.60 -7.62
C PHE D 6 -1.58 22.27 -6.91
N ASN D 7 -1.11 22.34 -5.65
CA ASN D 7 -0.87 21.18 -4.82
C ASN D 7 -1.03 21.55 -3.36
N PHE D 8 -1.92 20.83 -2.66
CA PHE D 8 -2.19 20.97 -1.24
C PHE D 8 -1.82 19.70 -0.52
N ASN D 9 -0.80 19.75 0.34
CA ASN D 9 -0.39 18.62 1.17
C ASN D 9 -1.12 18.75 2.51
N SER D 10 -1.61 19.96 2.77
CA SER D 10 -2.35 20.38 3.96
C SER D 10 -3.19 21.60 3.64
N PHE D 11 -4.08 21.96 4.58
CA PHE D 11 -4.97 23.11 4.43
C PHE D 11 -4.92 23.98 5.69
N SER D 12 -5.33 25.26 5.57
CA SER D 12 -5.33 26.18 6.71
C SER D 12 -6.44 27.21 6.58
N GLU D 13 -7.00 27.62 7.74
CA GLU D 13 -8.10 28.55 7.89
C GLU D 13 -7.89 29.92 7.26
N GLY D 14 -6.73 30.54 7.47
CA GLY D 14 -6.44 31.86 6.91
C GLY D 14 -5.84 31.83 5.52
N ASN D 15 -6.37 30.94 4.63
CA ASN D 15 -5.86 30.83 3.27
C ASN D 15 -6.93 31.32 2.29
N PRO D 16 -6.75 32.51 1.67
CA PRO D 16 -7.79 33.00 0.74
C PRO D 16 -7.89 32.16 -0.55
N ALA D 17 -6.90 31.26 -0.82
CA ALA D 17 -6.88 30.38 -2.01
C ALA D 17 -7.99 29.30 -2.02
N ILE D 18 -8.65 29.08 -0.87
CA ILE D 18 -9.75 28.13 -0.72
C ILE D 18 -10.99 28.86 -0.15
N ASN D 19 -12.15 28.63 -0.78
CA ASN D 19 -13.43 29.13 -0.34
C ASN D 19 -14.04 28.10 0.58
N PHE D 20 -14.38 28.50 1.81
CA PHE D 20 -15.00 27.58 2.78
C PHE D 20 -16.48 27.89 2.88
N GLN D 21 -17.31 26.87 2.63
CA GLN D 21 -18.77 27.04 2.62
C GLN D 21 -19.42 26.17 3.65
N GLY D 22 -20.42 26.73 4.32
CA GLY D 22 -21.19 25.98 5.32
C GLY D 22 -20.43 25.57 6.57
N ASP D 23 -20.60 24.29 6.97
CA ASP D 23 -20.07 23.69 8.21
C ASP D 23 -18.62 23.21 8.15
N VAL D 24 -17.87 23.49 7.03
CA VAL D 24 -16.46 23.07 6.91
C VAL D 24 -15.55 23.75 7.94
N THR D 25 -14.64 22.94 8.53
CA THR D 25 -13.61 23.38 9.45
C THR D 25 -12.25 22.80 9.01
N VAL D 26 -11.18 23.46 9.43
CA VAL D 26 -9.82 22.98 9.22
C VAL D 26 -9.33 22.47 10.57
N LEU D 27 -8.89 21.23 10.62
CA LEU D 27 -8.38 20.64 11.86
C LEU D 27 -6.92 21.07 12.05
N SER D 28 -6.42 21.02 13.30
CA SER D 28 -5.05 21.40 13.65
C SER D 28 -4.01 20.60 12.87
N ASN D 29 -4.38 19.35 12.46
CA ASN D 29 -3.49 18.49 11.67
C ASN D 29 -3.44 18.88 10.16
N GLY D 30 -4.22 19.88 9.74
CA GLY D 30 -4.24 20.36 8.36
C GLY D 30 -5.34 19.77 7.49
N ASN D 31 -6.12 18.79 8.00
CA ASN D 31 -7.22 18.18 7.26
C ASN D 31 -8.42 19.08 7.19
N ILE D 32 -9.19 18.96 6.11
CA ILE D 32 -10.46 19.63 5.97
C ILE D 32 -11.52 18.67 6.46
N GLN D 33 -12.36 19.13 7.40
CA GLN D 33 -13.49 18.34 7.90
C GLN D 33 -14.72 19.00 7.33
N LEU D 34 -15.43 18.27 6.43
CA LEU D 34 -16.54 18.86 5.67
C LEU D 34 -17.83 19.02 6.45
N THR D 35 -18.22 18.08 7.32
CA THR D 35 -19.49 18.21 8.06
C THR D 35 -19.33 18.38 9.59
N ASN D 36 -20.36 18.97 10.22
CA ASN D 36 -20.41 19.19 11.67
C ASN D 36 -21.20 18.03 12.28
N LEU D 37 -20.53 17.22 13.09
CA LEU D 37 -21.06 16.01 13.73
C LEU D 37 -22.23 16.28 14.72
N ASN D 38 -22.39 17.52 15.21
CA ASN D 38 -23.45 17.86 16.16
C ASN D 38 -24.65 18.61 15.55
N LYS D 39 -24.65 18.80 14.22
CA LYS D 39 -25.68 19.55 13.51
C LYS D 39 -26.57 18.64 12.63
N VAL D 40 -27.89 18.93 12.60
CA VAL D 40 -28.87 18.23 11.75
C VAL D 40 -28.70 18.75 10.32
N ASN D 41 -28.78 17.86 9.31
CA ASN D 41 -28.65 18.19 7.88
C ASN D 41 -27.39 19.01 7.60
N SER D 42 -26.26 18.64 8.24
CA SER D 42 -25.01 19.40 8.05
C SER D 42 -24.54 19.33 6.60
N VAL D 43 -24.04 20.46 6.09
CA VAL D 43 -23.49 20.55 4.73
C VAL D 43 -22.27 21.45 4.82
N GLY D 44 -21.17 20.96 4.27
CA GLY D 44 -19.92 21.71 4.22
C GLY D 44 -19.25 21.48 2.88
N ARG D 45 -18.68 22.53 2.30
CA ARG D 45 -18.01 22.46 1.01
C ARG D 45 -16.72 23.32 0.99
N VAL D 46 -15.76 22.91 0.17
CA VAL D 46 -14.52 23.65 -0.08
C VAL D 46 -14.37 23.81 -1.60
N LEU D 47 -13.93 24.99 -2.04
CA LEU D 47 -13.69 25.27 -3.46
C LEU D 47 -12.34 25.90 -3.64
N TYR D 48 -11.67 25.57 -4.76
CA TYR D 48 -10.44 26.26 -5.09
C TYR D 48 -10.92 27.66 -5.47
N ALA D 49 -10.42 28.73 -4.79
CA ALA D 49 -11.00 30.08 -4.95
C ALA D 49 -10.82 30.67 -6.36
N MET D 50 -9.80 30.25 -7.13
CA MET D 50 -9.65 30.79 -8.49
C MET D 50 -10.54 30.05 -9.50
N PRO D 51 -11.39 30.77 -10.27
CA PRO D 51 -12.16 30.07 -11.31
C PRO D 51 -11.22 29.54 -12.39
N VAL D 52 -11.55 28.35 -12.91
CA VAL D 52 -10.76 27.70 -13.93
C VAL D 52 -11.49 27.77 -15.27
N ARG D 53 -10.83 28.32 -16.29
CA ARG D 53 -11.40 28.40 -17.63
C ARG D 53 -11.28 27.01 -18.29
N ILE D 54 -12.39 26.24 -18.31
CA ILE D 54 -12.42 24.86 -18.84
C ILE D 54 -12.72 24.85 -20.34
N TRP D 55 -13.23 25.96 -20.89
CA TRP D 55 -13.43 26.06 -22.33
C TRP D 55 -13.40 27.50 -22.77
N SER D 56 -13.01 27.71 -24.03
CA SER D 56 -12.88 29.01 -24.67
C SER D 56 -14.02 29.22 -25.64
N SER D 57 -14.72 30.35 -25.52
CA SER D 57 -15.81 30.64 -26.44
C SER D 57 -15.24 31.11 -27.80
N ALA D 58 -14.00 31.62 -27.80
CA ALA D 58 -13.30 32.09 -29.00
C ALA D 58 -12.88 30.92 -29.90
N THR D 59 -12.10 29.96 -29.38
CA THR D 59 -11.56 28.80 -30.12
C THR D 59 -12.48 27.57 -30.12
N GLY D 60 -13.34 27.47 -29.11
CA GLY D 60 -14.20 26.31 -28.90
C GLY D 60 -13.46 25.16 -28.24
N ASN D 61 -12.17 25.37 -27.85
CA ASN D 61 -11.31 24.35 -27.22
C ASN D 61 -11.77 24.06 -25.80
N VAL D 62 -11.59 22.79 -25.36
CA VAL D 62 -11.99 22.32 -24.01
C VAL D 62 -10.74 21.81 -23.33
N ALA D 63 -10.56 22.16 -22.05
CA ALA D 63 -9.39 21.75 -21.31
C ALA D 63 -9.44 20.27 -20.96
N SER D 64 -8.26 19.69 -20.82
CA SER D 64 -8.08 18.38 -20.26
C SER D 64 -7.62 18.64 -18.83
N PHE D 65 -7.83 17.70 -17.91
CA PHE D 65 -7.32 17.86 -16.55
C PHE D 65 -6.94 16.54 -15.93
N LEU D 66 -6.03 16.62 -14.95
CA LEU D 66 -5.54 15.53 -14.14
C LEU D 66 -5.59 15.99 -12.72
N THR D 67 -6.25 15.22 -11.87
CA THR D 67 -6.34 15.60 -10.46
C THR D 67 -6.26 14.37 -9.57
N SER D 68 -5.59 14.53 -8.44
CA SER D 68 -5.48 13.48 -7.44
C SER D 68 -5.81 14.06 -6.08
N PHE D 69 -6.51 13.29 -5.27
CA PHE D 69 -6.89 13.71 -3.93
C PHE D 69 -6.98 12.50 -3.03
N SER D 70 -6.88 12.75 -1.74
CA SER D 70 -7.02 11.73 -0.73
C SER D 70 -8.00 12.16 0.30
N PHE D 71 -8.82 11.22 0.76
CA PHE D 71 -9.85 11.49 1.74
C PHE D 71 -9.96 10.36 2.75
N GLU D 72 -10.76 10.62 3.80
CA GLU D 72 -11.07 9.63 4.81
C GLU D 72 -12.49 9.83 5.31
N MET D 73 -13.24 8.72 5.44
CA MET D 73 -14.56 8.72 6.07
C MET D 73 -14.46 7.78 7.28
N LYS D 74 -14.95 8.24 8.44
CA LYS D 74 -14.87 7.46 9.68
C LYS D 74 -16.23 7.45 10.39
N ASP D 75 -16.66 6.26 10.83
CA ASP D 75 -17.92 6.06 11.56
C ASP D 75 -17.89 6.79 12.88
N ILE D 76 -19.06 7.24 13.34
CA ILE D 76 -19.17 7.86 14.65
C ILE D 76 -20.31 7.17 15.41
N LYS D 77 -20.10 6.97 16.72
CA LYS D 77 -21.00 6.36 17.68
C LYS D 77 -22.43 6.92 17.56
N ASP D 78 -23.43 6.01 17.57
CA ASP D 78 -24.89 6.25 17.56
C ASP D 78 -25.46 6.78 16.20
N TYR D 79 -24.61 7.02 15.17
CA TYR D 79 -25.12 7.50 13.87
C TYR D 79 -24.79 6.60 12.69
N ASP D 80 -25.72 6.52 11.76
CA ASP D 80 -25.60 5.83 10.47
C ASP D 80 -24.42 6.47 9.70
N PRO D 81 -23.37 5.73 9.29
CA PRO D 81 -22.27 6.37 8.54
C PRO D 81 -22.78 6.86 7.17
N ALA D 82 -23.09 8.18 7.10
CA ALA D 82 -23.68 8.82 5.94
C ALA D 82 -23.28 10.32 5.91
N ASP D 83 -23.37 11.03 4.74
CA ASP D 83 -23.89 10.53 3.48
C ASP D 83 -22.86 10.29 2.40
N GLY D 84 -21.66 10.85 2.56
CA GLY D 84 -20.58 10.70 1.61
C GLY D 84 -20.01 12.01 1.12
N ILE D 85 -19.00 11.90 0.25
CA ILE D 85 -18.26 13.03 -0.32
C ILE D 85 -18.48 13.09 -1.82
N ILE D 86 -18.55 14.30 -2.38
CA ILE D 86 -18.61 14.47 -3.82
C ILE D 86 -17.50 15.46 -4.23
N PHE D 87 -16.70 15.05 -5.20
CA PHE D 87 -15.70 15.90 -5.85
C PHE D 87 -16.48 16.53 -6.97
N PHE D 88 -16.65 17.87 -6.97
CA PHE D 88 -17.52 18.46 -7.97
C PHE D 88 -16.93 19.70 -8.66
N ILE D 89 -17.57 20.02 -9.81
CA ILE D 89 -17.30 21.10 -10.75
C ILE D 89 -18.58 21.85 -10.92
N ALA D 90 -18.55 23.14 -10.72
CA ALA D 90 -19.80 23.90 -10.81
C ALA D 90 -19.58 25.35 -11.31
N PRO D 91 -20.64 26.12 -11.65
CA PRO D 91 -20.43 27.54 -12.05
C PRO D 91 -19.69 28.30 -10.96
N GLU D 92 -18.93 29.36 -11.35
CA GLU D 92 -18.10 30.10 -10.38
C GLU D 92 -18.90 30.66 -9.19
N ASP D 93 -20.21 30.95 -9.37
CA ASP D 93 -21.03 31.50 -8.29
C ASP D 93 -21.66 30.39 -7.42
N THR D 94 -21.22 29.16 -7.53
CA THR D 94 -21.82 28.05 -6.77
C THR D 94 -21.80 28.26 -5.25
N GLN D 95 -22.96 28.01 -4.63
CA GLN D 95 -23.17 28.05 -3.18
C GLN D 95 -23.99 26.81 -2.78
N ILE D 96 -23.97 26.46 -1.49
CA ILE D 96 -24.81 25.37 -0.96
C ILE D 96 -26.26 25.70 -1.33
N PRO D 97 -27.03 24.75 -1.94
CA PRO D 97 -28.43 25.07 -2.30
C PRO D 97 -29.22 25.65 -1.11
N ALA D 98 -30.00 26.70 -1.40
CA ALA D 98 -30.84 27.37 -0.40
C ALA D 98 -31.83 26.36 0.25
N GLY D 99 -31.84 26.32 1.59
CA GLY D 99 -32.66 25.43 2.41
C GLY D 99 -32.31 23.96 2.26
N SER D 100 -30.99 23.68 2.02
CA SER D 100 -30.46 22.34 1.81
C SER D 100 -30.85 21.38 2.90
N ILE D 101 -31.35 20.20 2.50
CA ILE D 101 -31.75 19.16 3.44
C ILE D 101 -30.55 18.24 3.75
N GLY D 102 -29.38 18.55 3.17
CA GLY D 102 -28.18 17.72 3.35
C GLY D 102 -28.47 16.29 2.90
N GLY D 103 -28.09 15.33 3.73
CA GLY D 103 -28.38 13.90 3.45
C GLY D 103 -27.95 13.42 2.08
N GLY D 104 -28.86 12.81 1.33
CA GLY D 104 -28.62 12.27 -0.02
C GLY D 104 -28.29 13.30 -1.10
N THR D 105 -28.56 14.58 -0.84
CA THR D 105 -28.26 15.64 -1.82
C THR D 105 -26.74 15.88 -1.92
N LEU D 106 -25.95 15.37 -0.94
CA LEU D 106 -24.48 15.51 -0.84
C LEU D 106 -24.03 17.02 -0.86
N GLY D 107 -24.97 17.91 -0.52
CA GLY D 107 -24.72 19.35 -0.47
C GLY D 107 -24.60 20.06 -1.81
N VAL D 108 -24.94 19.39 -2.91
CA VAL D 108 -24.83 19.98 -4.25
C VAL D 108 -26.18 20.07 -4.96
N SER D 109 -27.23 19.49 -4.39
CA SER D 109 -28.52 19.46 -5.09
C SER D 109 -29.72 19.86 -4.22
N ASP D 110 -30.89 20.03 -4.87
CA ASP D 110 -32.14 20.35 -4.20
C ASP D 110 -32.76 19.04 -3.65
N THR D 111 -33.97 19.13 -3.05
CA THR D 111 -34.67 17.97 -2.47
C THR D 111 -34.94 16.89 -3.56
N LYS D 112 -35.25 17.31 -4.80
CA LYS D 112 -35.51 16.40 -5.92
C LYS D 112 -34.22 15.76 -6.49
N GLY D 113 -33.05 16.19 -5.99
CA GLY D 113 -31.73 15.69 -6.39
C GLY D 113 -31.11 16.37 -7.60
N ALA D 114 -31.69 17.51 -8.01
CA ALA D 114 -31.23 18.30 -9.14
C ALA D 114 -30.34 19.48 -8.71
N GLY D 115 -29.38 19.78 -9.56
CA GLY D 115 -28.46 20.90 -9.38
C GLY D 115 -27.70 21.23 -10.64
N HIS D 116 -26.79 22.19 -10.54
CA HIS D 116 -25.95 22.60 -11.65
C HIS D 116 -24.51 22.25 -11.27
N PHE D 117 -24.07 21.05 -11.69
CA PHE D 117 -22.73 20.55 -11.34
C PHE D 117 -22.39 19.28 -12.09
N VAL D 118 -21.11 18.94 -12.13
CA VAL D 118 -20.60 17.66 -12.65
C VAL D 118 -19.78 17.12 -11.49
N GLY D 119 -19.98 15.88 -11.10
CA GLY D 119 -19.22 15.38 -9.95
C GLY D 119 -18.94 13.89 -9.96
N VAL D 120 -18.06 13.47 -9.03
CA VAL D 120 -17.68 12.09 -8.74
C VAL D 120 -18.02 11.89 -7.28
N GLU D 121 -19.12 11.19 -7.01
CA GLU D 121 -19.54 10.96 -5.62
C GLU D 121 -18.94 9.64 -5.05
N PHE D 122 -18.70 9.62 -3.74
CA PHE D 122 -18.23 8.48 -2.92
C PHE D 122 -19.37 8.32 -1.93
N ASP D 123 -20.44 7.61 -2.38
CA ASP D 123 -21.74 7.59 -1.70
C ASP D 123 -21.84 6.39 -0.77
N THR D 124 -22.06 6.66 0.54
CA THR D 124 -22.08 5.66 1.61
C THR D 124 -23.49 5.37 2.18
N TYR D 125 -24.56 5.83 1.55
CA TYR D 125 -25.93 5.56 1.99
C TYR D 125 -26.83 5.40 0.76
N SER D 126 -27.72 4.38 0.77
CA SER D 126 -28.63 4.08 -0.33
C SER D 126 -29.95 4.86 -0.23
N ASN D 127 -30.06 5.98 -1.01
CA ASN D 127 -31.27 6.82 -1.12
C ASN D 127 -32.15 6.33 -2.29
N SER D 128 -33.27 5.64 -1.98
CA SER D 128 -34.21 5.13 -2.99
C SER D 128 -34.78 6.27 -3.84
N GLU D 129 -34.99 7.48 -3.22
CA GLU D 129 -35.51 8.67 -3.87
C GLU D 129 -34.57 9.17 -5.00
N TYR D 130 -33.27 8.81 -4.96
CA TYR D 130 -32.32 9.19 -6.01
C TYR D 130 -31.84 7.98 -6.85
N ASN D 131 -32.59 6.86 -6.76
CA ASN D 131 -32.35 5.59 -7.46
C ASN D 131 -30.91 5.07 -7.22
N ASP D 132 -30.42 5.24 -5.97
CA ASP D 132 -29.10 4.75 -5.55
C ASP D 132 -29.03 3.22 -5.66
N PRO D 133 -27.85 2.65 -6.02
CA PRO D 133 -27.72 1.18 -5.97
C PRO D 133 -27.76 0.70 -4.50
N PRO D 134 -27.98 -0.61 -4.19
CA PRO D 134 -28.16 -1.01 -2.78
C PRO D 134 -26.92 -0.93 -1.87
N THR D 135 -25.69 -0.85 -2.42
CA THR D 135 -24.46 -0.78 -1.58
C THR D 135 -23.71 0.56 -1.76
N ASP D 136 -22.58 0.76 -1.02
CA ASP D 136 -21.66 1.90 -1.19
C ASP D 136 -21.20 1.91 -2.61
N HIS D 137 -20.99 3.10 -3.18
CA HIS D 137 -20.67 3.16 -4.59
C HIS D 137 -19.93 4.43 -4.96
N VAL D 138 -19.28 4.41 -6.13
CA VAL D 138 -18.66 5.59 -6.74
C VAL D 138 -19.57 5.89 -7.91
N GLY D 139 -19.96 7.16 -8.08
CA GLY D 139 -20.85 7.56 -9.15
C GLY D 139 -20.41 8.80 -9.89
N ILE D 140 -20.71 8.85 -11.19
CA ILE D 140 -20.48 9.99 -12.08
C ILE D 140 -21.83 10.69 -12.22
N ASP D 141 -21.88 11.92 -11.72
CA ASP D 141 -23.07 12.77 -11.64
C ASP D 141 -23.04 13.95 -12.60
N VAL D 142 -24.15 14.14 -13.29
CA VAL D 142 -24.33 15.23 -14.22
C VAL D 142 -25.65 15.93 -13.87
N ASN D 143 -25.55 17.08 -13.18
CA ASN D 143 -26.68 17.91 -12.74
C ASN D 143 -27.71 17.17 -11.88
N SER D 144 -27.31 16.04 -11.25
CA SER D 144 -28.19 15.23 -10.45
C SER D 144 -27.41 14.25 -9.60
N VAL D 145 -27.95 13.96 -8.40
CA VAL D 145 -27.40 12.93 -7.52
C VAL D 145 -28.01 11.55 -7.93
N ASP D 146 -28.86 11.53 -8.98
CA ASP D 146 -29.33 10.30 -9.60
C ASP D 146 -28.27 10.05 -10.68
N SER D 147 -27.17 9.38 -10.26
CA SER D 147 -25.97 9.19 -11.09
C SER D 147 -26.25 8.68 -12.49
N VAL D 148 -25.49 9.19 -13.46
CA VAL D 148 -25.48 8.74 -14.84
C VAL D 148 -25.00 7.26 -14.83
N LYS D 149 -24.02 6.99 -13.97
CA LYS D 149 -23.43 5.66 -13.81
C LYS D 149 -22.82 5.50 -12.42
N THR D 150 -22.85 4.27 -11.89
CA THR D 150 -22.23 3.92 -10.62
C THR D 150 -21.45 2.62 -10.79
N VAL D 151 -20.59 2.35 -9.81
CA VAL D 151 -19.81 1.12 -9.67
C VAL D 151 -19.83 0.73 -8.19
N PRO D 152 -20.05 -0.56 -7.82
CA PRO D 152 -20.00 -0.92 -6.39
C PRO D 152 -18.62 -0.63 -5.80
N TRP D 153 -18.63 -0.15 -4.58
CA TRP D 153 -17.41 0.22 -3.87
C TRP D 153 -17.68 -0.10 -2.39
N ASN D 154 -16.71 0.14 -1.53
CA ASN D 154 -16.85 -0.09 -0.09
C ASN D 154 -16.14 1.00 0.66
N SER D 155 -16.87 1.75 1.50
CA SER D 155 -16.25 2.81 2.29
C SER D 155 -15.79 2.21 3.63
N VAL D 156 -14.46 2.09 3.79
CA VAL D 156 -13.83 1.52 4.98
C VAL D 156 -13.58 2.61 6.02
N SER D 157 -14.20 2.47 7.19
CA SER D 157 -14.09 3.43 8.29
C SER D 157 -12.63 3.61 8.74
N GLY D 158 -12.16 4.88 8.73
CA GLY D 158 -10.81 5.24 9.15
C GLY D 158 -9.72 4.98 8.13
N ALA D 159 -10.09 4.52 6.94
CA ALA D 159 -9.13 4.23 5.88
C ALA D 159 -8.87 5.46 5.01
N VAL D 160 -7.60 5.69 4.66
CA VAL D 160 -7.21 6.76 3.75
C VAL D 160 -7.41 6.21 2.32
N VAL D 161 -8.21 6.92 1.54
CA VAL D 161 -8.57 6.56 0.14
C VAL D 161 -7.86 7.55 -0.81
N LYS D 162 -7.23 7.04 -1.87
CA LYS D 162 -6.57 7.83 -2.91
C LYS D 162 -7.40 7.76 -4.20
N VAL D 163 -7.56 8.90 -4.86
CA VAL D 163 -8.33 8.99 -6.09
C VAL D 163 -7.50 9.74 -7.16
N THR D 164 -7.54 9.21 -8.37
CA THR D 164 -6.93 9.86 -9.52
C THR D 164 -8.04 10.01 -10.56
N VAL D 165 -8.18 11.22 -11.12
CA VAL D 165 -9.20 11.52 -12.13
C VAL D 165 -8.54 12.12 -13.37
N ILE D 166 -8.89 11.60 -14.56
CA ILE D 166 -8.41 12.14 -15.82
C ILE D 166 -9.64 12.57 -16.64
N TYR D 167 -9.62 13.81 -17.11
CA TYR D 167 -10.64 14.24 -18.08
C TYR D 167 -9.92 14.48 -19.41
N ASP D 168 -10.25 13.67 -20.43
CA ASP D 168 -9.68 13.80 -21.76
C ASP D 168 -10.66 14.61 -22.64
N SER D 169 -10.32 15.88 -22.95
CA SER D 169 -11.26 16.75 -23.68
C SER D 169 -11.67 16.22 -25.07
N SER D 170 -10.75 15.60 -25.85
CA SER D 170 -11.06 15.11 -27.21
C SER D 170 -12.16 14.02 -27.23
N THR D 171 -12.08 13.03 -26.34
CA THR D 171 -13.10 11.97 -26.27
C THR D 171 -14.23 12.34 -25.30
N LYS D 172 -14.06 13.47 -24.58
CA LYS D 172 -15.00 13.94 -23.53
C LYS D 172 -15.15 12.88 -22.41
N THR D 173 -14.10 12.08 -22.17
CA THR D 173 -14.15 11.00 -21.18
C THR D 173 -13.61 11.42 -19.84
N LEU D 174 -14.42 11.20 -18.80
CA LEU D 174 -14.09 11.38 -17.39
C LEU D 174 -13.74 9.98 -16.82
N SER D 175 -12.46 9.73 -16.54
CA SER D 175 -12.00 8.45 -15.97
C SER D 175 -11.58 8.63 -14.51
N VAL D 176 -11.98 7.69 -13.64
CA VAL D 176 -11.74 7.72 -12.19
C VAL D 176 -11.13 6.38 -11.72
N ALA D 177 -10.02 6.46 -10.96
CA ALA D 177 -9.37 5.29 -10.33
C ALA D 177 -9.29 5.56 -8.83
N VAL D 178 -9.90 4.67 -8.03
CA VAL D 178 -9.99 4.76 -6.57
C VAL D 178 -9.16 3.64 -5.95
N THR D 179 -8.15 3.99 -5.13
CA THR D 179 -7.25 3.03 -4.48
C THR D 179 -7.66 2.88 -3.06
N ASN D 180 -8.21 1.70 -2.73
CA ASN D 180 -8.69 1.28 -1.43
C ASN D 180 -7.54 0.88 -0.48
N ASP D 181 -7.89 0.69 0.80
CA ASP D 181 -6.97 0.29 1.86
C ASP D 181 -6.51 -1.15 1.67
N ASN D 182 -7.41 -2.06 1.24
CA ASN D 182 -7.11 -3.49 0.99
C ASN D 182 -6.25 -3.71 -0.30
N GLY D 183 -5.86 -2.61 -0.96
CA GLY D 183 -4.98 -2.61 -2.13
C GLY D 183 -5.67 -2.61 -3.49
N ASP D 184 -6.94 -3.04 -3.55
CA ASP D 184 -7.70 -3.12 -4.79
C ASP D 184 -7.97 -1.72 -5.36
N ILE D 185 -8.06 -1.65 -6.67
CA ILE D 185 -8.43 -0.46 -7.40
C ILE D 185 -9.85 -0.64 -7.94
N THR D 186 -10.63 0.44 -7.86
CA THR D 186 -12.00 0.53 -8.39
C THR D 186 -11.96 1.60 -9.47
N THR D 187 -12.49 1.34 -10.65
CA THR D 187 -12.51 2.33 -11.74
C THR D 187 -13.93 2.54 -12.22
N ILE D 188 -14.17 3.72 -12.77
CA ILE D 188 -15.42 4.10 -13.42
C ILE D 188 -15.06 5.19 -14.42
N ALA D 189 -15.63 5.10 -15.62
CA ALA D 189 -15.44 6.10 -16.67
C ALA D 189 -16.77 6.37 -17.37
N GLN D 190 -16.95 7.62 -17.79
CA GLN D 190 -18.18 8.06 -18.47
C GLN D 190 -17.89 9.26 -19.38
N VAL D 191 -18.51 9.25 -20.57
CA VAL D 191 -18.41 10.40 -21.50
C VAL D 191 -19.32 11.49 -20.91
N VAL D 192 -18.74 12.64 -20.60
CA VAL D 192 -19.44 13.83 -20.06
C VAL D 192 -18.93 15.02 -20.87
N ASP D 193 -19.86 15.73 -21.57
CA ASP D 193 -19.50 16.89 -22.39
C ASP D 193 -19.48 18.11 -21.49
N LEU D 194 -18.28 18.42 -20.98
CA LEU D 194 -18.08 19.49 -20.02
C LEU D 194 -18.45 20.83 -20.65
N LYS D 195 -18.16 21.04 -21.93
CA LYS D 195 -18.52 22.25 -22.66
C LYS D 195 -20.05 22.47 -22.73
N ALA D 196 -20.84 21.38 -22.81
CA ALA D 196 -22.30 21.45 -22.93
C ALA D 196 -23.01 21.59 -21.59
N LYS D 197 -22.39 21.10 -20.49
CA LYS D 197 -23.05 21.08 -19.18
C LYS D 197 -22.62 22.21 -18.22
N LEU D 198 -21.45 22.80 -18.43
CA LEU D 198 -20.90 23.81 -17.55
C LEU D 198 -20.52 25.12 -18.29
N PRO D 199 -20.47 26.25 -17.55
CA PRO D 199 -20.05 27.53 -18.18
C PRO D 199 -18.53 27.59 -18.44
N GLU D 200 -18.06 28.66 -19.14
CA GLU D 200 -16.66 28.91 -19.51
C GLU D 200 -15.70 28.74 -18.34
N ARG D 201 -15.98 29.45 -17.24
CA ARG D 201 -15.22 29.39 -15.98
C ARG D 201 -16.09 28.70 -14.96
N VAL D 202 -15.45 27.81 -14.20
CA VAL D 202 -16.02 26.92 -13.19
C VAL D 202 -15.14 26.90 -11.95
N LYS D 203 -15.71 26.38 -10.84
CA LYS D 203 -14.94 26.14 -9.62
C LYS D 203 -14.95 24.65 -9.34
N PHE D 204 -13.80 24.17 -8.87
CA PHE D 204 -13.61 22.79 -8.47
C PHE D 204 -13.58 22.71 -6.96
N GLY D 205 -14.04 21.60 -6.41
CA GLY D 205 -13.95 21.40 -4.97
C GLY D 205 -14.48 20.07 -4.46
N PHE D 206 -14.95 20.11 -3.20
CA PHE D 206 -15.52 18.96 -2.48
C PHE D 206 -16.70 19.38 -1.62
N SER D 207 -17.68 18.49 -1.47
CA SER D 207 -18.86 18.69 -0.63
C SER D 207 -19.21 17.40 0.06
N ALA D 208 -19.80 17.51 1.25
CA ALA D 208 -20.28 16.35 2.01
C ALA D 208 -21.46 16.80 2.86
N SER D 209 -22.32 15.86 3.24
CA SER D 209 -23.51 16.17 4.02
C SER D 209 -23.92 15.03 4.95
N GLY D 210 -24.81 15.34 5.89
CA GLY D 210 -25.41 14.40 6.82
C GLY D 210 -26.87 14.76 7.00
N SER D 211 -27.59 14.00 7.83
CA SER D 211 -28.99 14.28 8.15
C SER D 211 -29.14 14.22 9.67
N LEU D 212 -30.36 14.06 10.17
CA LEU D 212 -30.58 13.94 11.62
C LEU D 212 -29.89 12.67 12.16
N GLY D 213 -30.14 11.53 11.49
CA GLY D 213 -29.60 10.24 11.88
C GLY D 213 -28.38 9.74 11.12
N GLY D 214 -28.04 10.38 10.01
CA GLY D 214 -26.89 10.00 9.20
C GLY D 214 -25.74 10.96 9.32
N ARG D 215 -24.71 10.58 10.06
CA ARG D 215 -23.54 11.45 10.26
C ARG D 215 -22.29 10.61 10.34
N GLN D 216 -21.19 11.15 9.83
CA GLN D 216 -19.89 10.51 9.87
C GLN D 216 -18.80 11.57 9.66
N ILE D 217 -17.55 11.21 9.97
CA ILE D 217 -16.41 12.08 9.73
C ILE D 217 -16.15 12.07 8.21
N HIS D 218 -16.10 13.28 7.58
CA HIS D 218 -15.75 13.43 6.15
C HIS D 218 -14.50 14.31 6.06
N LEU D 219 -13.34 13.71 5.75
CA LEU D 219 -12.08 14.45 5.69
C LEU D 219 -11.43 14.53 4.30
N ILE D 220 -10.88 15.70 3.94
CA ILE D 220 -10.06 15.90 2.74
C ILE D 220 -8.65 16.12 3.23
N ARG D 221 -7.75 15.23 2.87
CA ARG D 221 -6.38 15.22 3.34
C ARG D 221 -5.40 15.94 2.42
N SER D 222 -5.52 15.76 1.09
CA SER D 222 -4.63 16.38 0.12
C SER D 222 -5.33 16.52 -1.22
N TRP D 223 -4.81 17.40 -2.09
CA TRP D 223 -5.37 17.65 -3.40
C TRP D 223 -4.36 18.31 -4.34
N SER D 224 -4.10 17.67 -5.48
CA SER D 224 -3.25 18.22 -6.54
C SER D 224 -4.09 18.29 -7.81
N PHE D 225 -3.85 19.29 -8.64
CA PHE D 225 -4.64 19.48 -9.84
C PHE D 225 -3.83 20.17 -10.92
N THR D 226 -4.05 19.76 -12.16
CA THR D 226 -3.49 20.41 -13.34
C THR D 226 -4.53 20.36 -14.45
N SER D 227 -4.87 21.52 -15.01
CA SER D 227 -5.71 21.62 -16.18
C SER D 227 -4.93 22.34 -17.26
N THR D 228 -5.11 21.98 -18.52
CA THR D 228 -4.44 22.62 -19.63
C THR D 228 -5.43 22.78 -20.75
N LEU D 229 -5.62 24.02 -21.20
CA LEU D 229 -6.50 24.41 -22.31
C LEU D 229 -5.60 24.96 -23.44
N ILE D 230 -5.71 24.38 -24.64
CA ILE D 230 -4.93 24.78 -25.83
C ILE D 230 -5.50 26.13 -26.30
N THR D 231 -4.61 27.15 -26.46
CA THR D 231 -5.00 28.50 -26.84
C THR D 231 -4.70 28.81 -28.35
N THR D 232 -4.51 27.77 -29.20
CA THR D 232 -4.31 27.94 -30.64
C THR D 232 -5.28 27.07 -31.46
#